data_4XXD
#
_entry.id   4XXD
#
_cell.length_a   38.796
_cell.length_b   73.555
_cell.length_c   92.118
_cell.angle_alpha   109.91
_cell.angle_beta   93.64
_cell.angle_gamma   93.31
#
_symmetry.space_group_name_H-M   'P 1'
#
loop_
_entity.id
_entity.type
_entity.pdbx_description
1 polymer 'Fab Light Chain'
2 polymer 'Fab Heavy Chain'
3 polymer 'Amyloid-beta fragment'
4 water water
#
loop_
_entity_poly.entity_id
_entity_poly.type
_entity_poly.pdbx_seq_one_letter_code
_entity_poly.pdbx_strand_id
1 'polypeptide(L)'
;DVVMTQSPLSLPVTLGQPASISCRSSQSLIYSDGNAYLHWFLQKPGQSPRLLIYKVSNRFSGVPDRFSGSGSGTDFTLKI
SRVEAEDVGVYYCSQSTHVPWTFGQGTKVEIKRTVAAPSVFIFPPSDEQLKSGTASVVCLLNNFYPREAKVQWKVDNALQ
SGNSQESVTEQDSKDSTYSLSSTLTLSKADYEKHKVYACEVTHQGLSSPVTKSFNRGEC
;
A,D
2 'polypeptide(L)'
;EVQLVESGGGLVQPGGSLRLSCAASGFTFSRYSMSWVRQAPGKGLELVAQINSVGSSTYYPDTVKGRFTISRDNAKNTLY
LQMNSLRAEDTAVYYCASGDYWGQGTLVTVSSASTKGPSVFPLAPSSKSTSGGTAALGCLVKDYFPEPVTVSWNSGALTS
GVHTFPAVLQSSGLYSLSSVVTVPSSSLGTQTYICNVNHKPSNTKVDKKVEPKSCHHHHHHHH
;
B,E
3 'polypeptide(L)' VHHQKLVFFAEDVGSNK C,F
#
# COMPACT_ATOMS: atom_id res chain seq x y z
N ASP A 1 7.77 -33.86 16.02
CA ASP A 1 7.73 -32.45 16.35
C ASP A 1 7.46 -32.23 17.87
N VAL A 2 8.34 -31.48 18.51
CA VAL A 2 8.28 -31.28 19.96
C VAL A 2 7.03 -30.48 20.39
N VAL A 3 6.01 -31.20 20.89
CA VAL A 3 4.73 -30.62 21.30
C VAL A 3 4.61 -30.17 22.76
N MET A 4 4.42 -28.85 22.94
CA MET A 4 4.27 -28.18 24.24
C MET A 4 2.81 -28.19 24.69
N THR A 5 2.54 -28.83 25.84
CA THR A 5 1.20 -28.93 26.44
C THR A 5 1.07 -27.92 27.59
N GLN A 6 0.14 -26.96 27.46
CA GLN A 6 -0.11 -25.93 28.46
C GLN A 6 -1.40 -26.17 29.24
N SER A 7 -1.40 -25.82 30.54
CA SER A 7 -2.54 -25.95 31.45
C SER A 7 -2.45 -24.95 32.62
N PRO A 8 -3.53 -24.18 32.93
CA PRO A 8 -4.83 -24.14 32.25
C PRO A 8 -4.79 -23.26 31.00
N LEU A 9 -5.81 -23.37 30.13
CA LEU A 9 -5.87 -22.54 28.92
C LEU A 9 -6.46 -21.17 29.26
N SER A 10 -7.23 -21.11 30.36
CA SER A 10 -7.86 -19.91 30.90
C SER A 10 -7.48 -19.79 32.38
N LEU A 11 -6.93 -18.64 32.80
CA LEU A 11 -6.49 -18.43 34.17
C LEU A 11 -7.10 -17.22 34.90
N PRO A 12 -8.31 -17.37 35.50
CA PRO A 12 -8.86 -16.25 36.29
C PRO A 12 -8.20 -16.24 37.66
N VAL A 13 -7.68 -15.07 38.07
CA VAL A 13 -6.97 -14.94 39.34
C VAL A 13 -7.18 -13.55 40.00
N THR A 14 -7.45 -13.57 41.31
CA THR A 14 -7.65 -12.42 42.21
C THR A 14 -6.38 -11.56 42.24
N LEU A 15 -6.52 -10.22 42.36
CA LEU A 15 -5.39 -9.27 42.48
C LEU A 15 -4.50 -9.63 43.68
N GLY A 16 -3.17 -9.53 43.48
CA GLY A 16 -2.16 -9.79 44.50
C GLY A 16 -1.93 -11.24 44.87
N GLN A 17 -2.72 -12.16 44.30
CA GLN A 17 -2.63 -13.60 44.52
C GLN A 17 -1.62 -14.27 43.58
N PRO A 18 -1.02 -15.44 43.90
CA PRO A 18 -0.06 -16.05 42.95
C PRO A 18 -0.73 -16.91 41.88
N ALA A 19 -0.04 -17.12 40.75
CA ALA A 19 -0.56 -17.94 39.65
C ALA A 19 0.52 -18.88 39.12
N SER A 20 0.11 -20.08 38.69
CA SER A 20 1.04 -21.07 38.13
C SER A 20 0.57 -21.62 36.79
N ILE A 21 1.44 -21.57 35.77
CA ILE A 21 1.14 -22.06 34.42
C ILE A 21 2.03 -23.25 34.11
N SER A 22 1.39 -24.41 33.91
CA SER A 22 2.07 -25.67 33.62
C SER A 22 2.42 -25.82 32.13
N CYS A 23 3.54 -26.53 31.86
CA CYS A 23 4.01 -26.85 30.51
C CYS A 23 4.73 -28.18 30.46
N ARG A 24 4.21 -29.08 29.67
CA ARG A 24 4.84 -30.34 29.40
C ARG A 24 5.50 -30.39 28.03
N SER A 25 6.63 -30.99 28.00
CA SER A 25 7.40 -31.18 26.77
C SER A 25 7.31 -32.65 26.35
N SER A 26 7.13 -32.92 25.04
CA SER A 26 7.02 -34.29 24.51
C SER A 26 8.32 -35.11 24.62
N GLN A 27 9.47 -34.44 24.83
CA GLN A 27 10.80 -35.05 24.98
C GLN A 27 11.76 -34.13 25.74
N SER A 28 13.04 -34.55 25.86
CA SER A 28 14.10 -33.82 26.54
C SER A 28 14.44 -32.51 25.83
N LEU A 29 14.74 -31.47 26.61
CA LEU A 29 15.08 -30.15 26.08
C LEU A 29 16.50 -29.73 26.44
N ILE A 30 17.19 -30.53 27.23
CA ILE A 30 18.58 -30.35 27.51
C ILE A 30 19.46 -30.47 26.27
N TYR A 31 20.15 -29.39 26.00
CA TYR A 31 21.07 -29.42 24.87
C TYR A 31 22.49 -29.82 25.31
N SER A 32 23.40 -30.08 24.34
CA SER A 32 24.79 -30.50 24.56
C SER A 32 25.61 -29.55 25.45
N ASP A 33 25.24 -28.25 25.48
CA ASP A 33 25.91 -27.25 26.31
C ASP A 33 25.42 -27.23 27.78
N GLY A 34 24.42 -28.07 28.08
CA GLY A 34 23.86 -28.20 29.41
C GLY A 34 22.60 -27.40 29.68
N ASN A 35 22.32 -26.39 28.83
CA ASN A 35 21.13 -25.55 28.97
C ASN A 35 19.90 -26.16 28.28
N ALA A 36 18.75 -26.15 28.98
CA ALA A 36 17.47 -26.62 28.45
C ALA A 36 16.76 -25.36 27.90
N TYR A 37 16.59 -25.31 26.57
CA TYR A 37 16.05 -24.16 25.84
C TYR A 37 14.53 -23.91 25.90
N LEU A 38 14.06 -23.70 27.10
CA LEU A 38 12.66 -23.46 27.40
C LEU A 38 12.36 -22.06 27.88
N HIS A 39 11.54 -21.37 27.12
CA HIS A 39 11.25 -19.97 27.39
C HIS A 39 9.77 -19.70 27.65
N TRP A 40 9.50 -18.52 28.22
CA TRP A 40 8.14 -18.05 28.47
C TRP A 40 7.99 -16.66 27.88
N PHE A 41 6.87 -16.44 27.19
CA PHE A 41 6.55 -15.19 26.51
C PHE A 41 5.22 -14.65 26.96
N LEU A 42 5.07 -13.31 26.99
CA LEU A 42 3.81 -12.66 27.30
C LEU A 42 3.40 -11.76 26.16
N GLN A 43 2.15 -11.93 25.72
CA GLN A 43 1.54 -11.14 24.67
C GLN A 43 0.26 -10.49 25.21
N LYS A 44 0.29 -9.17 25.41
CA LYS A 44 -0.87 -8.39 25.87
C LYS A 44 -1.71 -8.07 24.61
N PRO A 45 -3.00 -7.66 24.71
CA PRO A 45 -3.76 -7.40 23.47
C PRO A 45 -3.17 -6.29 22.59
N GLY A 46 -3.34 -6.46 21.28
CA GLY A 46 -2.87 -5.54 20.24
C GLY A 46 -1.37 -5.30 20.17
N GLN A 47 -0.57 -6.12 20.86
CA GLN A 47 0.89 -5.99 20.87
C GLN A 47 1.64 -7.30 20.60
N SER A 48 2.94 -7.17 20.27
CA SER A 48 3.82 -8.28 19.95
C SER A 48 4.20 -9.10 21.19
N PRO A 49 4.44 -10.42 21.06
CA PRO A 49 4.89 -11.20 22.23
C PRO A 49 6.23 -10.70 22.77
N ARG A 50 6.37 -10.68 24.11
CA ARG A 50 7.59 -10.24 24.79
C ARG A 50 8.14 -11.37 25.66
N LEU A 51 9.47 -11.62 25.58
CA LEU A 51 10.15 -12.65 26.35
C LEU A 51 10.25 -12.25 27.82
N LEU A 52 9.85 -13.17 28.72
CA LEU A 52 9.89 -12.97 30.19
C LEU A 52 11.04 -13.80 30.78
N ILE A 53 10.97 -15.13 30.62
CA ILE A 53 11.93 -16.12 31.10
C ILE A 53 12.58 -16.74 29.85
N TYR A 54 13.92 -16.96 29.86
CA TYR A 54 14.58 -17.55 28.70
C TYR A 54 15.10 -18.98 28.84
N LYS A 55 16.00 -19.25 29.75
CA LYS A 55 16.41 -20.62 29.86
C LYS A 55 16.05 -21.22 31.19
N VAL A 56 14.81 -21.68 31.24
CA VAL A 56 14.09 -22.33 32.36
C VAL A 56 13.82 -21.37 33.51
N SER A 57 14.84 -20.68 34.04
CA SER A 57 14.68 -19.80 35.20
C SER A 57 15.21 -18.37 35.08
N ASN A 58 15.91 -18.02 34.00
CA ASN A 58 16.47 -16.67 33.89
C ASN A 58 15.52 -15.62 33.36
N ARG A 59 15.46 -14.48 34.00
CA ARG A 59 14.55 -13.51 33.50
C ARG A 59 15.23 -12.53 32.61
N PHE A 60 14.44 -11.96 31.73
CA PHE A 60 14.91 -11.06 30.67
C PHE A 60 15.01 -9.62 31.16
N SER A 61 15.64 -8.72 30.35
CA SER A 61 15.83 -7.30 30.66
C SER A 61 14.50 -6.57 30.77
N GLY A 62 14.29 -5.92 31.91
CA GLY A 62 13.07 -5.16 32.21
C GLY A 62 11.97 -5.98 32.85
N VAL A 63 12.07 -7.32 32.77
CA VAL A 63 11.11 -8.27 33.31
C VAL A 63 11.18 -8.27 34.86
N PRO A 64 10.03 -8.08 35.56
CA PRO A 64 10.06 -8.04 37.04
C PRO A 64 10.55 -9.29 37.75
N ASP A 65 10.74 -9.17 39.08
CA ASP A 65 11.20 -10.24 39.98
C ASP A 65 10.04 -11.18 40.36
N ARG A 66 8.82 -10.74 40.17
CA ARG A 66 7.64 -11.52 40.52
C ARG A 66 7.41 -12.73 39.65
N PHE A 67 7.81 -12.62 38.40
CA PHE A 67 7.80 -13.75 37.48
C PHE A 67 8.94 -14.69 37.80
N SER A 68 8.68 -16.00 37.75
CA SER A 68 9.66 -17.04 38.05
C SER A 68 9.38 -18.29 37.23
N GLY A 69 10.44 -19.02 36.91
CA GLY A 69 10.36 -20.25 36.14
C GLY A 69 11.07 -21.42 36.80
N SER A 70 10.47 -22.61 36.71
CA SER A 70 11.00 -23.84 37.28
C SER A 70 10.71 -25.06 36.38
N GLY A 71 11.39 -26.17 36.65
CA GLY A 71 11.21 -27.42 35.91
C GLY A 71 12.48 -28.05 35.40
N SER A 72 12.37 -29.32 34.94
CA SER A 72 13.47 -30.11 34.39
C SER A 72 12.93 -31.27 33.56
N GLY A 73 13.61 -31.55 32.45
CA GLY A 73 13.25 -32.62 31.54
C GLY A 73 12.04 -32.32 30.70
N THR A 74 10.89 -32.94 31.05
CA THR A 74 9.61 -32.79 30.36
C THR A 74 8.68 -31.76 31.02
N ASP A 75 8.56 -31.81 32.37
CA ASP A 75 7.70 -30.92 33.14
C ASP A 75 8.34 -29.58 33.48
N PHE A 76 7.58 -28.49 33.25
CA PHE A 76 8.00 -27.11 33.49
C PHE A 76 6.84 -26.31 34.09
N THR A 77 7.16 -25.18 34.76
CA THR A 77 6.17 -24.29 35.38
C THR A 77 6.61 -22.82 35.40
N LEU A 78 5.64 -21.92 35.18
CA LEU A 78 5.84 -20.47 35.25
C LEU A 78 4.98 -19.97 36.41
N LYS A 79 5.63 -19.41 37.43
CA LYS A 79 4.95 -18.88 38.60
C LYS A 79 5.04 -17.36 38.72
N ILE A 80 3.93 -16.76 39.13
CA ILE A 80 3.82 -15.31 39.36
C ILE A 80 3.69 -15.16 40.89
N SER A 81 4.44 -14.21 41.50
CA SER A 81 4.41 -13.96 42.95
C SER A 81 3.06 -13.34 43.35
N ARG A 82 2.73 -12.21 42.73
CA ARG A 82 1.52 -11.43 42.97
C ARG A 82 0.86 -10.98 41.62
N VAL A 83 -0.39 -11.34 41.35
CA VAL A 83 -1.01 -10.97 40.08
C VAL A 83 -1.42 -9.49 40.07
N GLU A 84 -0.75 -8.71 39.20
CA GLU A 84 -0.98 -7.28 39.00
C GLU A 84 -1.97 -7.08 37.84
N ALA A 85 -2.65 -5.93 37.80
CA ALA A 85 -3.62 -5.56 36.76
C ALA A 85 -3.02 -5.56 35.34
N GLU A 86 -1.69 -5.29 35.24
CA GLU A 86 -0.91 -5.24 34.00
C GLU A 86 -0.49 -6.63 33.47
N ASP A 87 -0.81 -7.71 34.23
CA ASP A 87 -0.44 -9.08 33.86
C ASP A 87 -1.43 -9.78 32.92
N VAL A 88 -2.58 -9.13 32.64
CA VAL A 88 -3.60 -9.64 31.73
C VAL A 88 -3.02 -9.74 30.30
N GLY A 89 -3.08 -10.95 29.75
CA GLY A 89 -2.56 -11.29 28.44
C GLY A 89 -2.44 -12.79 28.24
N VAL A 90 -1.89 -13.22 27.11
CA VAL A 90 -1.72 -14.64 26.82
C VAL A 90 -0.24 -15.04 26.97
N TYR A 91 0.02 -16.00 27.87
CA TYR A 91 1.37 -16.51 28.20
C TYR A 91 1.68 -17.72 27.37
N TYR A 92 2.87 -17.75 26.75
CA TYR A 92 3.29 -18.86 25.89
C TYR A 92 4.58 -19.48 26.34
N CYS A 93 4.63 -20.81 26.31
CA CYS A 93 5.84 -21.56 26.57
C CYS A 93 6.42 -21.91 25.18
N SER A 94 7.73 -22.01 25.08
CA SER A 94 8.38 -22.30 23.80
C SER A 94 9.67 -23.08 23.94
N GLN A 95 9.99 -23.85 22.92
CA GLN A 95 11.11 -24.70 22.81
C GLN A 95 12.00 -24.26 21.66
N SER A 96 13.32 -24.13 21.86
CA SER A 96 14.27 -23.74 20.82
C SER A 96 15.54 -24.63 20.84
N THR A 97 15.39 -25.87 21.37
CA THR A 97 16.42 -26.91 21.46
C THR A 97 16.54 -27.60 20.10
N HIS A 98 15.39 -27.97 19.51
CA HIS A 98 15.25 -28.65 18.23
C HIS A 98 14.59 -27.77 17.16
N VAL A 99 14.82 -28.11 15.88
CA VAL A 99 14.23 -27.43 14.73
C VAL A 99 12.98 -28.25 14.30
N PRO A 100 11.77 -27.65 14.20
CA PRO A 100 11.44 -26.22 14.38
C PRO A 100 11.24 -25.75 15.82
N TRP A 101 11.33 -24.42 16.01
CA TRP A 101 11.03 -23.68 17.23
C TRP A 101 9.52 -23.81 17.39
N THR A 102 9.05 -24.46 18.49
CA THR A 102 7.61 -24.67 18.72
C THR A 102 7.06 -23.85 19.89
N PHE A 103 5.71 -23.85 20.04
CA PHE A 103 4.99 -23.10 21.05
C PHE A 103 3.89 -23.92 21.69
N GLY A 104 3.41 -23.46 22.84
CA GLY A 104 2.28 -24.03 23.56
C GLY A 104 1.01 -23.40 23.03
N GLN A 105 -0.16 -23.89 23.47
CA GLN A 105 -1.46 -23.38 23.00
C GLN A 105 -1.75 -21.96 23.51
N GLY A 106 -1.15 -21.60 24.65
CA GLY A 106 -1.33 -20.29 25.26
C GLY A 106 -2.31 -20.30 26.40
N THR A 107 -1.98 -19.52 27.44
CA THR A 107 -2.76 -19.36 28.66
C THR A 107 -3.21 -17.92 28.79
N LYS A 108 -4.51 -17.73 28.77
CA LYS A 108 -5.11 -16.46 29.01
C LYS A 108 -5.28 -16.19 30.48
N VAL A 109 -4.62 -15.15 30.97
CA VAL A 109 -4.67 -14.78 32.38
C VAL A 109 -5.71 -13.68 32.55
N GLU A 110 -6.66 -13.89 33.48
CA GLU A 110 -7.75 -12.97 33.76
C GLU A 110 -7.69 -12.48 35.20
N ILE A 111 -8.16 -11.25 35.43
CA ILE A 111 -8.25 -10.67 36.77
C ILE A 111 -9.64 -11.01 37.33
N LYS A 112 -9.68 -11.72 38.47
CA LYS A 112 -10.93 -12.02 39.13
C LYS A 112 -11.17 -10.90 40.13
N ARG A 113 -12.19 -10.08 39.86
CA ARG A 113 -12.56 -8.87 40.61
C ARG A 113 -14.02 -8.84 41.08
N THR A 114 -14.34 -7.86 41.89
CA THR A 114 -15.68 -7.64 42.43
C THR A 114 -16.69 -7.41 41.30
N VAL A 115 -17.93 -7.92 41.47
CA VAL A 115 -19.02 -7.80 40.47
C VAL A 115 -19.34 -6.31 40.28
N ALA A 116 -19.34 -5.85 39.00
CA ALA A 116 -19.66 -4.47 38.62
C ALA A 116 -20.78 -4.42 37.60
N ALA A 117 -21.90 -3.76 37.93
CA ALA A 117 -23.06 -3.65 37.03
C ALA A 117 -22.73 -2.75 35.82
N PRO A 118 -23.17 -3.12 34.60
CA PRO A 118 -22.87 -2.29 33.42
C PRO A 118 -23.72 -1.01 33.35
N SER A 119 -23.17 0.01 32.67
CA SER A 119 -23.87 1.26 32.37
C SER A 119 -24.43 1.07 30.95
N VAL A 120 -25.76 1.00 30.85
CA VAL A 120 -26.47 0.74 29.57
C VAL A 120 -26.89 2.05 28.89
N PHE A 121 -26.56 2.18 27.59
CA PHE A 121 -26.87 3.33 26.75
C PHE A 121 -27.34 2.90 25.36
N ILE A 122 -28.40 3.54 24.86
CA ILE A 122 -28.96 3.29 23.53
C ILE A 122 -28.75 4.53 22.65
N PHE A 123 -28.27 4.32 21.41
CA PHE A 123 -28.01 5.43 20.49
C PHE A 123 -28.85 5.25 19.23
N PRO A 124 -29.72 6.23 18.89
CA PRO A 124 -30.51 6.09 17.65
C PRO A 124 -29.62 6.31 16.42
N PRO A 125 -29.99 5.78 15.23
CA PRO A 125 -29.14 6.04 14.05
C PRO A 125 -29.03 7.53 13.71
N SER A 126 -27.99 7.89 12.95
CA SER A 126 -27.81 9.28 12.54
C SER A 126 -28.74 9.59 11.37
N ASP A 127 -29.12 10.87 11.21
CA ASP A 127 -29.97 11.33 10.12
C ASP A 127 -29.27 11.15 8.77
N GLU A 128 -27.92 11.29 8.78
CA GLU A 128 -27.04 11.14 7.61
C GLU A 128 -27.04 9.71 7.10
N GLN A 129 -27.05 8.73 8.02
CA GLN A 129 -27.07 7.30 7.69
C GLN A 129 -28.40 6.91 7.02
N LEU A 130 -29.53 7.49 7.49
CA LEU A 130 -30.87 7.25 6.93
C LEU A 130 -30.99 7.62 5.45
N LYS A 131 -30.16 8.58 4.96
CA LYS A 131 -30.11 9.01 3.57
C LYS A 131 -29.63 7.85 2.66
N SER A 132 -28.57 7.12 3.09
CA SER A 132 -27.99 5.99 2.36
C SER A 132 -28.87 4.71 2.34
N GLY A 133 -30.04 4.78 2.99
CA GLY A 133 -31.03 3.71 3.05
C GLY A 133 -30.77 2.60 4.05
N THR A 134 -29.99 2.91 5.11
CA THR A 134 -29.64 1.96 6.17
C THR A 134 -29.67 2.66 7.54
N ALA A 135 -30.05 1.92 8.59
CA ALA A 135 -30.14 2.44 9.95
C ALA A 135 -29.45 1.49 10.93
N SER A 136 -28.52 2.03 11.72
CA SER A 136 -27.76 1.27 12.70
C SER A 136 -28.07 1.76 14.09
N VAL A 137 -28.62 0.85 14.90
CA VAL A 137 -29.02 1.11 16.28
C VAL A 137 -27.96 0.45 17.18
N VAL A 138 -27.20 1.27 17.90
CA VAL A 138 -26.12 0.82 18.78
C VAL A 138 -26.54 0.79 20.26
N CYS A 139 -26.12 -0.27 20.97
CA CYS A 139 -26.34 -0.44 22.41
C CYS A 139 -24.98 -0.52 23.09
N LEU A 140 -24.72 0.35 24.08
CA LEU A 140 -23.47 0.34 24.84
C LEU A 140 -23.64 -0.18 26.25
N LEU A 141 -22.84 -1.20 26.61
CA LEU A 141 -22.78 -1.81 27.94
C LEU A 141 -21.38 -1.44 28.43
N ASN A 142 -21.27 -0.43 29.30
CA ASN A 142 -20.00 0.10 29.79
C ASN A 142 -19.59 -0.36 31.19
N ASN A 143 -18.28 -0.67 31.33
CA ASN A 143 -17.56 -1.07 32.54
C ASN A 143 -18.20 -2.11 33.48
N PHE A 144 -18.28 -3.37 33.03
CA PHE A 144 -18.89 -4.46 33.81
C PHE A 144 -17.99 -5.69 34.03
N TYR A 145 -18.35 -6.52 35.03
CA TYR A 145 -17.67 -7.76 35.39
C TYR A 145 -18.65 -8.73 36.09
N PRO A 146 -18.75 -10.04 35.72
CA PRO A 146 -17.97 -10.78 34.70
C PRO A 146 -18.31 -10.39 33.27
N ARG A 147 -17.52 -10.90 32.30
CA ARG A 147 -17.68 -10.63 30.87
C ARG A 147 -19.07 -11.07 30.34
N GLU A 148 -19.59 -12.20 30.84
CA GLU A 148 -20.89 -12.78 30.44
C GLU A 148 -22.07 -11.83 30.67
N ALA A 149 -22.77 -11.47 29.58
CA ALA A 149 -23.92 -10.56 29.57
C ALA A 149 -24.83 -10.81 28.37
N LYS A 150 -26.12 -10.81 28.59
CA LYS A 150 -27.12 -10.99 27.54
C LYS A 150 -27.76 -9.70 27.10
N VAL A 151 -27.84 -9.55 25.79
CA VAL A 151 -28.39 -8.38 25.11
C VAL A 151 -29.53 -8.88 24.22
N GLN A 152 -30.71 -8.30 24.39
CA GLN A 152 -31.84 -8.56 23.54
C GLN A 152 -32.43 -7.31 22.85
N TRP A 153 -32.60 -7.38 21.54
CA TRP A 153 -33.19 -6.25 20.79
C TRP A 153 -34.70 -6.49 20.64
N LYS A 154 -35.50 -5.46 20.94
CA LYS A 154 -36.96 -5.47 20.83
C LYS A 154 -37.46 -4.29 19.98
N VAL A 155 -38.21 -4.61 18.92
CA VAL A 155 -38.77 -3.63 17.99
C VAL A 155 -40.29 -3.76 18.07
N ASP A 156 -40.93 -2.81 18.80
CA ASP A 156 -42.38 -2.81 19.12
C ASP A 156 -42.73 -4.10 19.89
N ASN A 157 -41.92 -4.42 20.92
CA ASN A 157 -41.96 -5.60 21.79
C ASN A 157 -41.61 -6.95 21.09
N ALA A 158 -41.42 -6.93 19.76
CA ALA A 158 -41.06 -8.13 19.00
C ALA A 158 -39.56 -8.38 19.12
N LEU A 159 -39.18 -9.57 19.64
CA LEU A 159 -37.79 -9.98 19.83
C LEU A 159 -37.07 -10.14 18.47
N GLN A 160 -35.84 -9.64 18.38
CA GLN A 160 -35.03 -9.68 17.16
C GLN A 160 -34.04 -10.83 17.20
N SER A 161 -33.77 -11.42 16.03
CA SER A 161 -32.83 -12.53 15.87
C SER A 161 -32.14 -12.49 14.50
N GLY A 162 -30.82 -12.69 14.51
CA GLY A 162 -29.99 -12.72 13.30
C GLY A 162 -29.73 -11.40 12.60
N ASN A 163 -30.16 -10.28 13.19
CA ASN A 163 -29.95 -8.95 12.61
C ASN A 163 -29.14 -8.01 13.53
N SER A 164 -28.30 -8.61 14.41
CA SER A 164 -27.45 -7.88 15.35
C SER A 164 -26.11 -8.57 15.57
N GLN A 165 -25.05 -7.78 15.71
CA GLN A 165 -23.68 -8.25 15.92
C GLN A 165 -23.10 -7.57 17.13
N GLU A 166 -22.43 -8.35 17.99
CA GLU A 166 -21.84 -7.75 19.17
C GLU A 166 -20.31 -7.81 19.20
N SER A 167 -19.72 -6.84 19.91
CA SER A 167 -18.28 -6.66 20.07
C SER A 167 -17.98 -6.39 21.53
N VAL A 168 -16.95 -7.06 22.07
CA VAL A 168 -16.52 -6.93 23.47
C VAL A 168 -15.06 -6.51 23.50
N THR A 169 -14.72 -5.53 24.36
CA THR A 169 -13.34 -5.09 24.54
C THR A 169 -12.64 -6.09 25.47
N GLU A 170 -11.29 -6.16 25.39
CA GLU A 170 -10.46 -7.02 26.23
C GLU A 170 -10.48 -6.51 27.67
N GLN A 171 -10.05 -7.34 28.65
CA GLN A 171 -10.02 -6.93 30.05
C GLN A 171 -9.12 -5.71 30.25
N ASP A 172 -9.63 -4.68 30.93
CA ASP A 172 -8.93 -3.42 31.18
C ASP A 172 -7.70 -3.60 32.06
N SER A 173 -6.65 -2.81 31.81
CA SER A 173 -5.40 -2.86 32.57
C SER A 173 -5.41 -1.94 33.79
N LYS A 174 -6.47 -1.11 33.94
CA LYS A 174 -6.60 -0.17 35.05
C LYS A 174 -7.70 -0.57 36.04
N ASP A 175 -8.96 -0.77 35.57
CA ASP A 175 -10.07 -1.17 36.43
C ASP A 175 -10.54 -2.64 36.25
N SER A 176 -9.92 -3.38 35.31
CA SER A 176 -10.20 -4.79 35.00
C SER A 176 -11.66 -5.12 34.59
N THR A 177 -12.39 -4.12 34.07
CA THR A 177 -13.77 -4.28 33.61
C THR A 177 -13.82 -4.61 32.11
N TYR A 178 -15.03 -4.96 31.62
CA TYR A 178 -15.30 -5.24 30.23
C TYR A 178 -16.30 -4.23 29.70
N SER A 179 -16.33 -4.06 28.37
CA SER A 179 -17.27 -3.17 27.69
C SER A 179 -17.84 -3.91 26.48
N LEU A 180 -19.17 -3.87 26.30
CA LEU A 180 -19.85 -4.56 25.20
C LEU A 180 -20.65 -3.59 24.33
N SER A 181 -20.65 -3.85 23.03
CA SER A 181 -21.39 -3.07 22.04
C SER A 181 -22.13 -4.01 21.11
N SER A 182 -23.46 -3.83 20.99
CA SER A 182 -24.33 -4.59 20.10
C SER A 182 -24.95 -3.61 19.09
N THR A 183 -24.89 -3.95 17.80
CA THR A 183 -25.42 -3.10 16.73
C THR A 183 -26.53 -3.78 15.92
N LEU A 184 -27.74 -3.21 15.98
CA LEU A 184 -28.90 -3.71 15.23
C LEU A 184 -28.92 -3.03 13.84
N THR A 185 -28.81 -3.84 12.77
CA THR A 185 -28.80 -3.35 11.39
C THR A 185 -30.15 -3.59 10.69
N LEU A 186 -30.78 -2.49 10.27
CA LEU A 186 -32.06 -2.51 9.56
C LEU A 186 -32.01 -1.54 8.39
N SER A 187 -32.72 -1.86 7.30
CA SER A 187 -32.85 -0.99 6.14
C SER A 187 -33.70 0.22 6.58
N LYS A 188 -33.64 1.34 5.84
CA LYS A 188 -34.42 2.55 6.14
C LYS A 188 -35.92 2.23 6.18
N ALA A 189 -36.43 1.47 5.18
CA ALA A 189 -37.83 1.06 5.05
C ALA A 189 -38.31 0.17 6.21
N ASP A 190 -37.47 -0.79 6.67
CA ASP A 190 -37.80 -1.67 7.80
C ASP A 190 -37.75 -0.87 9.10
N TYR A 191 -36.81 0.11 9.20
CA TYR A 191 -36.65 0.99 10.35
C TYR A 191 -37.82 1.98 10.50
N GLU A 192 -38.20 2.67 9.40
CA GLU A 192 -39.30 3.65 9.39
C GLU A 192 -40.72 3.05 9.64
N LYS A 193 -40.87 1.71 9.54
CA LYS A 193 -42.13 1.00 9.74
C LYS A 193 -42.46 0.71 11.23
N HIS A 194 -41.56 1.09 12.16
CA HIS A 194 -41.75 0.82 13.59
C HIS A 194 -41.51 2.02 14.50
N LYS A 195 -42.15 2.00 15.68
CA LYS A 195 -42.08 3.06 16.69
C LYS A 195 -41.02 2.82 17.78
N VAL A 196 -41.18 1.75 18.58
CA VAL A 196 -40.34 1.43 19.75
C VAL A 196 -39.09 0.61 19.43
N TYR A 197 -37.91 1.12 19.87
CA TYR A 197 -36.60 0.48 19.72
C TYR A 197 -35.90 0.34 21.08
N ALA A 198 -35.82 -0.89 21.59
CA ALA A 198 -35.22 -1.16 22.89
C ALA A 198 -34.17 -2.27 22.88
N CYS A 199 -33.28 -2.22 23.87
CA CYS A 199 -32.26 -3.22 24.13
C CYS A 199 -32.39 -3.67 25.59
N GLU A 200 -32.77 -4.94 25.80
CA GLU A 200 -32.93 -5.55 27.13
C GLU A 200 -31.58 -6.15 27.55
N VAL A 201 -31.09 -5.78 28.74
CA VAL A 201 -29.80 -6.20 29.26
C VAL A 201 -29.91 -7.09 30.52
N THR A 202 -29.31 -8.29 30.45
CA THR A 202 -29.26 -9.23 31.57
C THR A 202 -27.79 -9.44 31.98
N HIS A 203 -27.47 -9.04 33.21
CA HIS A 203 -26.14 -9.16 33.80
C HIS A 203 -26.28 -9.59 35.25
N GLN A 204 -25.28 -10.32 35.77
CA GLN A 204 -25.18 -10.82 37.14
C GLN A 204 -25.28 -9.68 38.17
N GLY A 205 -24.66 -8.55 37.86
CA GLY A 205 -24.62 -7.36 38.70
C GLY A 205 -25.91 -6.58 38.79
N LEU A 206 -26.92 -6.94 37.97
CA LEU A 206 -28.23 -6.31 37.94
C LEU A 206 -29.26 -7.22 38.61
N SER A 207 -29.97 -6.69 39.64
CA SER A 207 -31.00 -7.42 40.39
C SER A 207 -32.21 -7.74 39.51
N SER A 208 -32.47 -6.89 38.51
CA SER A 208 -33.54 -7.00 37.51
C SER A 208 -33.00 -6.54 36.15
N PRO A 209 -33.50 -7.07 34.99
CA PRO A 209 -32.98 -6.64 33.69
C PRO A 209 -33.18 -5.15 33.36
N VAL A 210 -32.14 -4.52 32.79
CA VAL A 210 -32.14 -3.10 32.39
C VAL A 210 -32.58 -2.92 30.94
N THR A 211 -33.65 -2.11 30.73
CA THR A 211 -34.20 -1.81 29.42
C THR A 211 -34.07 -0.31 29.13
N LYS A 212 -33.38 0.01 28.02
CA LYS A 212 -33.19 1.37 27.54
C LYS A 212 -33.84 1.47 26.16
N SER A 213 -34.77 2.41 25.98
CA SER A 213 -35.50 2.57 24.73
C SER A 213 -35.66 4.02 24.27
N PHE A 214 -35.99 4.18 22.98
CA PHE A 214 -36.28 5.47 22.37
C PHE A 214 -37.42 5.27 21.38
N ASN A 215 -38.16 6.33 21.04
CA ASN A 215 -39.09 6.27 19.92
C ASN A 215 -38.45 6.91 18.73
N ARG A 216 -38.65 6.29 17.58
CA ARG A 216 -38.19 6.82 16.35
C ARG A 216 -39.15 7.93 16.09
N GLY A 217 -38.63 9.10 15.79
CA GLY A 217 -39.46 10.22 15.56
C GLY A 217 -39.25 11.42 16.43
N GLU A 218 -38.37 11.36 17.44
CA GLU A 218 -37.92 12.53 18.20
C GLU A 218 -36.50 12.37 18.71
N VAL B 2 17.94 -2.93 20.33
CA VAL B 2 17.59 -3.94 19.35
C VAL B 2 16.23 -3.65 18.71
N GLN B 3 16.17 -3.62 17.36
CA GLN B 3 14.95 -3.38 16.61
C GLN B 3 14.75 -4.35 15.42
N LEU B 4 13.49 -4.63 15.08
CA LEU B 4 13.08 -5.49 13.97
C LEU B 4 11.87 -4.82 13.26
N VAL B 5 12.13 -4.10 12.16
CA VAL B 5 11.07 -3.38 11.43
C VAL B 5 10.67 -4.12 10.15
N GLU B 6 9.41 -4.60 10.09
CA GLU B 6 8.87 -5.32 8.95
C GLU B 6 8.22 -4.38 7.95
N SER B 7 8.21 -4.80 6.67
CA SER B 7 7.61 -4.10 5.54
C SER B 7 7.18 -5.12 4.50
N GLY B 8 6.48 -4.67 3.47
CA GLY B 8 6.02 -5.51 2.38
C GLY B 8 4.69 -6.21 2.62
N GLY B 9 4.09 -5.97 3.78
CA GLY B 9 2.81 -6.57 4.15
C GLY B 9 1.62 -5.79 3.64
N GLY B 10 0.47 -6.46 3.52
CA GLY B 10 -0.75 -5.81 3.07
C GLY B 10 -1.83 -6.72 2.53
N LEU B 11 -2.78 -6.12 1.80
CA LEU B 11 -3.89 -6.80 1.15
C LEU B 11 -3.36 -7.41 -0.15
N VAL B 12 -3.71 -8.68 -0.40
CA VAL B 12 -3.27 -9.41 -1.59
C VAL B 12 -4.39 -10.30 -2.14
N GLN B 13 -4.38 -10.53 -3.46
CA GLN B 13 -5.37 -11.37 -4.12
C GLN B 13 -5.09 -12.84 -3.81
N PRO B 14 -6.11 -13.71 -3.66
CA PRO B 14 -5.82 -15.14 -3.44
C PRO B 14 -5.05 -15.71 -4.64
N GLY B 15 -4.07 -16.55 -4.36
CA GLY B 15 -3.18 -17.14 -5.35
C GLY B 15 -2.06 -16.21 -5.74
N GLY B 16 -1.96 -15.07 -5.05
CA GLY B 16 -0.99 -14.03 -5.29
C GLY B 16 0.30 -14.27 -4.54
N SER B 17 1.23 -13.32 -4.66
CA SER B 17 2.55 -13.33 -4.05
C SER B 17 2.81 -12.06 -3.28
N LEU B 18 3.60 -12.20 -2.21
CA LEU B 18 4.09 -11.13 -1.33
C LEU B 18 5.50 -11.47 -0.90
N ARG B 19 6.29 -10.44 -0.58
CA ARG B 19 7.64 -10.60 -0.07
C ARG B 19 7.84 -9.66 1.10
N LEU B 20 7.99 -10.23 2.30
CA LEU B 20 8.19 -9.48 3.54
C LEU B 20 9.66 -9.23 3.78
N SER B 21 10.01 -7.99 4.18
CA SER B 21 11.36 -7.52 4.47
C SER B 21 11.46 -7.09 5.92
N CYS B 22 12.62 -7.31 6.55
CA CYS B 22 12.87 -6.92 7.94
C CYS B 22 14.23 -6.25 8.11
N ALA B 23 14.28 -5.05 8.69
CA ALA B 23 15.52 -4.32 8.94
C ALA B 23 15.96 -4.53 10.40
N ALA B 24 16.88 -5.49 10.60
CA ALA B 24 17.41 -5.88 11.92
C ALA B 24 18.58 -4.98 12.31
N SER B 25 18.51 -4.45 13.53
CA SER B 25 19.42 -3.43 14.11
C SER B 25 19.74 -3.59 15.58
N GLY B 26 20.97 -3.18 15.89
CA GLY B 26 21.58 -3.27 17.19
C GLY B 26 22.27 -4.52 17.72
N PHE B 27 22.19 -5.68 17.08
CA PHE B 27 22.87 -6.85 17.62
C PHE B 27 23.68 -7.92 16.90
N THR B 28 24.34 -7.61 15.79
CA THR B 28 25.17 -8.59 15.04
C THR B 28 24.39 -9.75 14.45
N PHE B 29 23.51 -9.36 13.56
CA PHE B 29 22.53 -10.18 12.84
C PHE B 29 23.09 -11.51 12.29
N SER B 30 24.32 -11.46 11.71
CA SER B 30 25.02 -12.60 11.12
C SER B 30 25.29 -13.78 12.07
N ARG B 31 25.37 -13.49 13.38
CA ARG B 31 25.66 -14.46 14.45
C ARG B 31 24.50 -15.37 14.85
N TYR B 32 23.24 -14.96 14.58
CA TYR B 32 22.08 -15.71 15.03
C TYR B 32 21.11 -16.19 13.96
N SER B 33 20.32 -17.22 14.35
CA SER B 33 19.22 -17.79 13.58
C SER B 33 18.07 -16.76 13.61
N MET B 34 17.21 -16.78 12.60
CA MET B 34 16.05 -15.89 12.53
C MET B 34 14.80 -16.68 12.12
N SER B 35 13.60 -16.11 12.37
CA SER B 35 12.34 -16.78 12.02
C SER B 35 11.18 -15.84 11.69
N TRP B 36 10.12 -16.42 11.12
CA TRP B 36 8.89 -15.74 10.76
C TRP B 36 7.79 -16.54 11.45
N VAL B 37 7.07 -15.88 12.38
CA VAL B 37 5.99 -16.50 13.14
C VAL B 37 4.70 -15.75 12.79
N ARG B 38 3.60 -16.48 12.53
CA ARG B 38 2.30 -15.87 12.23
C ARG B 38 1.24 -16.07 13.32
N GLN B 39 0.19 -15.24 13.26
CA GLN B 39 -0.92 -15.29 14.20
C GLN B 39 -2.18 -14.83 13.48
N ALA B 40 -3.10 -15.79 13.24
CA ALA B 40 -4.41 -15.56 12.62
C ALA B 40 -5.32 -14.86 13.66
N PRO B 41 -6.43 -14.18 13.25
CA PRO B 41 -7.26 -13.47 14.25
C PRO B 41 -7.73 -14.29 15.45
N GLY B 42 -7.30 -13.86 16.64
CA GLY B 42 -7.63 -14.50 17.91
C GLY B 42 -7.02 -15.89 18.10
N LYS B 43 -5.92 -16.19 17.39
CA LYS B 43 -5.25 -17.48 17.46
C LYS B 43 -3.88 -17.39 18.15
N GLY B 44 -3.20 -18.54 18.27
CA GLY B 44 -1.89 -18.65 18.91
C GLY B 44 -0.71 -18.33 18.02
N LEU B 45 0.48 -18.79 18.42
CA LEU B 45 1.71 -18.58 17.67
C LEU B 45 2.07 -19.80 16.81
N GLU B 46 2.28 -19.57 15.51
CA GLU B 46 2.56 -20.62 14.53
C GLU B 46 3.77 -20.23 13.68
N LEU B 47 4.85 -20.96 13.80
CA LEU B 47 6.03 -20.71 13.00
C LEU B 47 5.85 -21.01 11.54
N VAL B 48 6.31 -20.10 10.73
CA VAL B 48 6.17 -20.14 9.27
C VAL B 48 7.45 -20.65 8.63
N ALA B 49 8.60 -20.11 9.05
CA ALA B 49 9.91 -20.45 8.50
C ALA B 49 11.01 -20.19 9.50
N GLN B 50 12.09 -20.99 9.43
CA GLN B 50 13.23 -20.81 10.32
C GLN B 50 14.54 -20.99 9.57
N ILE B 51 15.41 -19.97 9.66
CA ILE B 51 16.71 -19.95 9.00
C ILE B 51 17.83 -19.98 10.06
N ASN B 52 19.01 -20.51 9.71
CA ASN B 52 20.15 -20.50 10.62
C ASN B 52 21.00 -19.24 10.38
N SER B 53 22.00 -18.99 11.25
CA SER B 53 22.90 -17.84 11.22
C SER B 53 23.43 -17.48 9.82
N VAL B 54 23.98 -18.48 9.10
CA VAL B 54 24.51 -18.23 7.76
C VAL B 54 23.51 -18.37 6.62
N GLY B 55 22.58 -19.32 6.74
CA GLY B 55 21.52 -19.56 5.76
C GLY B 55 21.61 -20.88 5.03
N SER B 56 22.37 -21.81 5.53
CA SER B 56 22.50 -23.10 4.92
C SER B 56 21.41 -24.12 5.31
N SER B 57 20.73 -23.93 6.43
CA SER B 57 19.60 -24.75 6.88
C SER B 57 18.29 -23.96 6.86
N THR B 58 17.22 -24.63 6.41
CA THR B 58 15.89 -24.05 6.29
C THR B 58 14.78 -25.03 6.64
N TYR B 59 13.74 -24.54 7.34
CA TYR B 59 12.59 -25.37 7.71
C TYR B 59 11.30 -24.61 7.49
N TYR B 60 10.30 -25.30 6.93
CA TYR B 60 8.94 -24.81 6.71
C TYR B 60 7.95 -25.92 7.08
N PRO B 61 6.91 -25.65 7.92
CA PRO B 61 5.90 -26.70 8.18
C PRO B 61 5.09 -27.01 6.93
N ASP B 62 4.44 -28.18 6.89
CA ASP B 62 3.65 -28.65 5.74
C ASP B 62 2.41 -27.81 5.35
N THR B 63 2.23 -26.66 6.01
CA THR B 63 1.13 -25.71 5.73
C THR B 63 1.59 -24.66 4.69
N VAL B 64 2.92 -24.36 4.67
CA VAL B 64 3.52 -23.38 3.78
C VAL B 64 4.65 -23.96 2.88
N LYS B 65 5.11 -25.19 3.18
CA LYS B 65 6.17 -25.92 2.48
C LYS B 65 5.95 -26.01 0.97
N GLY B 66 6.96 -25.59 0.21
CA GLY B 66 6.95 -25.56 -1.25
C GLY B 66 6.33 -24.30 -1.84
N ARG B 67 5.77 -23.41 -0.99
CA ARG B 67 5.13 -22.15 -1.42
C ARG B 67 5.83 -20.93 -0.82
N PHE B 68 6.50 -21.12 0.33
CA PHE B 68 7.20 -20.04 1.05
C PHE B 68 8.72 -20.28 1.06
N THR B 69 9.49 -19.19 1.04
CA THR B 69 10.95 -19.23 1.08
C THR B 69 11.51 -18.16 2.02
N ILE B 70 12.27 -18.61 3.03
CA ILE B 70 12.96 -17.72 3.97
C ILE B 70 14.39 -17.52 3.44
N SER B 71 14.87 -16.28 3.51
CA SER B 71 16.20 -15.88 3.03
C SER B 71 16.79 -14.79 3.91
N ARG B 72 18.11 -14.59 3.82
CA ARG B 72 18.81 -13.57 4.60
C ARG B 72 20.06 -12.98 3.93
N ASP B 73 20.32 -11.70 4.21
CA ASP B 73 21.50 -10.96 3.75
C ASP B 73 22.25 -10.54 5.02
N ASN B 74 23.36 -11.23 5.33
CA ASN B 74 24.14 -10.96 6.53
C ASN B 74 24.96 -9.68 6.43
N ALA B 75 25.16 -9.16 5.20
CA ALA B 75 25.90 -7.94 4.92
C ALA B 75 24.99 -6.71 5.00
N LYS B 76 23.72 -6.85 4.58
CA LYS B 76 22.74 -5.76 4.62
C LYS B 76 21.96 -5.75 5.94
N ASN B 77 21.99 -6.87 6.69
CA ASN B 77 21.29 -7.06 7.97
C ASN B 77 19.77 -7.00 7.76
N THR B 78 19.30 -7.86 6.84
CA THR B 78 17.90 -7.99 6.44
C THR B 78 17.45 -9.44 6.26
N LEU B 79 16.17 -9.69 6.58
CA LEU B 79 15.53 -11.00 6.50
C LEU B 79 14.37 -10.93 5.51
N TYR B 80 14.23 -11.97 4.70
CA TYR B 80 13.17 -12.02 3.70
C TYR B 80 12.30 -13.27 3.85
N LEU B 81 11.04 -13.18 3.38
CA LEU B 81 10.08 -14.28 3.30
C LEU B 81 9.29 -14.08 2.01
N GLN B 82 9.51 -14.97 1.02
CA GLN B 82 8.81 -14.91 -0.24
C GLN B 82 7.60 -15.82 -0.15
N MET B 83 6.40 -15.24 -0.01
CA MET B 83 5.16 -15.99 0.12
C MET B 83 4.51 -16.05 -1.24
N ASN B 84 4.18 -17.26 -1.70
CA ASN B 84 3.53 -17.48 -2.98
C ASN B 84 2.31 -18.36 -2.80
N SER B 85 1.45 -18.48 -3.86
CA SER B 85 0.22 -19.27 -3.86
C SER B 85 -0.58 -19.01 -2.57
N LEU B 86 -0.84 -17.72 -2.29
CA LEU B 86 -1.53 -17.29 -1.08
C LEU B 86 -2.98 -17.71 -0.98
N ARG B 87 -3.36 -18.22 0.19
CA ARG B 87 -4.69 -18.72 0.51
C ARG B 87 -5.27 -17.89 1.65
N ALA B 88 -6.60 -17.87 1.81
CA ALA B 88 -7.27 -17.14 2.91
C ALA B 88 -6.80 -17.60 4.30
N GLU B 89 -6.30 -18.84 4.41
CA GLU B 89 -5.75 -19.41 5.65
C GLU B 89 -4.36 -18.81 6.01
N ASP B 90 -3.77 -18.04 5.08
CA ASP B 90 -2.46 -17.38 5.27
C ASP B 90 -2.63 -15.97 5.84
N THR B 91 -3.89 -15.49 5.92
CA THR B 91 -4.27 -14.21 6.49
C THR B 91 -3.91 -14.27 7.97
N ALA B 92 -2.95 -13.43 8.37
CA ALA B 92 -2.40 -13.37 9.72
C ALA B 92 -1.50 -12.14 9.88
N VAL B 93 -1.01 -11.89 11.11
CA VAL B 93 0.00 -10.86 11.43
C VAL B 93 1.32 -11.65 11.41
N TYR B 94 2.26 -11.21 10.58
CA TYR B 94 3.55 -11.87 10.45
C TYR B 94 4.62 -11.11 11.21
N TYR B 95 5.23 -11.80 12.18
CA TYR B 95 6.30 -11.25 12.99
C TYR B 95 7.62 -11.83 12.52
N CYS B 96 8.66 -11.03 12.59
CA CYS B 96 10.04 -11.45 12.36
C CYS B 96 10.62 -11.57 13.76
N ALA B 97 11.10 -12.77 14.12
CA ALA B 97 11.63 -12.97 15.46
C ALA B 97 13.00 -13.61 15.53
N SER B 98 13.86 -13.03 16.39
CA SER B 98 15.20 -13.53 16.74
C SER B 98 15.05 -14.33 18.05
N GLY B 99 13.79 -14.57 18.42
CA GLY B 99 13.40 -15.27 19.63
C GLY B 99 13.18 -14.43 20.87
N ASP B 100 14.28 -13.78 21.31
CA ASP B 100 14.29 -12.87 22.46
C ASP B 100 13.61 -11.54 22.09
N TYR B 101 13.67 -11.18 20.78
CA TYR B 101 13.06 -9.96 20.23
C TYR B 101 12.08 -10.28 19.10
N TRP B 102 10.94 -9.56 19.10
CA TRP B 102 9.87 -9.70 18.11
C TRP B 102 9.54 -8.33 17.57
N GLY B 103 9.52 -8.20 16.25
CA GLY B 103 9.16 -6.95 15.59
C GLY B 103 7.71 -6.59 15.80
N GLN B 104 7.30 -5.41 15.28
CA GLN B 104 5.92 -4.95 15.42
C GLN B 104 4.87 -5.80 14.70
N GLY B 105 5.32 -6.54 13.70
CA GLY B 105 4.49 -7.46 12.91
C GLY B 105 3.73 -6.77 11.81
N THR B 106 3.83 -7.32 10.58
CA THR B 106 3.12 -6.76 9.43
C THR B 106 1.91 -7.61 9.07
N LEU B 107 0.72 -6.98 9.05
CA LEU B 107 -0.55 -7.64 8.75
C LEU B 107 -0.69 -7.96 7.25
N VAL B 108 -0.92 -9.26 6.95
CA VAL B 108 -1.12 -9.81 5.61
C VAL B 108 -2.59 -10.24 5.48
N THR B 109 -3.29 -9.74 4.47
CA THR B 109 -4.69 -10.08 4.19
C THR B 109 -4.76 -10.72 2.80
N VAL B 110 -5.31 -11.93 2.74
CA VAL B 110 -5.50 -12.65 1.47
C VAL B 110 -7.00 -12.66 1.13
N SER B 111 -7.42 -11.75 0.23
CA SER B 111 -8.81 -11.61 -0.17
C SER B 111 -8.96 -11.05 -1.59
N SER B 112 -10.05 -11.40 -2.28
CA SER B 112 -10.34 -10.88 -3.61
C SER B 112 -11.11 -9.56 -3.52
N ALA B 113 -11.67 -9.26 -2.32
CA ALA B 113 -12.43 -8.05 -2.03
C ALA B 113 -11.54 -6.83 -2.11
N SER B 114 -12.05 -5.78 -2.70
CA SER B 114 -11.41 -4.52 -2.94
C SER B 114 -11.22 -3.67 -1.72
N THR B 115 -10.33 -2.72 -1.81
CA THR B 115 -10.14 -1.73 -0.76
C THR B 115 -11.27 -0.71 -0.75
N LYS B 116 -11.95 -0.56 0.40
CA LYS B 116 -13.03 0.40 0.61
C LYS B 116 -12.85 1.20 1.90
N GLY B 117 -13.05 2.52 1.80
CA GLY B 117 -12.97 3.45 2.92
C GLY B 117 -14.26 3.50 3.73
N PRO B 118 -14.18 3.70 5.06
CA PRO B 118 -15.41 3.67 5.88
C PRO B 118 -16.30 4.90 5.81
N SER B 119 -17.51 4.73 6.38
CA SER B 119 -18.52 5.74 6.58
C SER B 119 -18.49 6.04 8.08
N VAL B 120 -18.26 7.32 8.44
CA VAL B 120 -18.16 7.72 9.85
C VAL B 120 -19.43 8.42 10.33
N PHE B 121 -20.15 7.77 11.25
CA PHE B 121 -21.41 8.29 11.79
C PHE B 121 -21.34 8.58 13.28
N PRO B 122 -21.88 9.73 13.74
CA PRO B 122 -21.86 10.03 15.18
C PRO B 122 -22.89 9.27 16.01
N LEU B 123 -22.47 8.90 17.22
CA LEU B 123 -23.33 8.28 18.22
C LEU B 123 -23.56 9.39 19.24
N ALA B 124 -24.52 10.28 18.89
CA ALA B 124 -24.93 11.48 19.62
C ALA B 124 -25.33 11.24 21.08
N PRO B 125 -25.02 12.18 22.00
CA PRO B 125 -25.44 12.00 23.39
C PRO B 125 -26.90 12.38 23.64
N SER B 126 -27.53 11.73 24.63
CA SER B 126 -28.92 11.97 25.01
C SER B 126 -29.03 12.25 26.52
N SER B 127 -30.25 12.14 27.07
CA SER B 127 -30.56 12.33 28.49
C SER B 127 -31.14 11.05 29.10
N GLY B 133 -23.63 12.08 36.98
CA GLY B 133 -23.55 13.03 35.89
C GLY B 133 -22.63 12.62 34.76
N THR B 134 -22.72 11.34 34.36
CA THR B 134 -21.91 10.75 33.29
C THR B 134 -22.72 10.71 31.99
N ALA B 135 -22.08 11.08 30.87
CA ALA B 135 -22.69 11.11 29.53
C ALA B 135 -21.89 10.25 28.54
N ALA B 136 -22.59 9.40 27.77
CA ALA B 136 -21.96 8.54 26.78
C ALA B 136 -22.23 9.02 25.36
N LEU B 137 -21.16 9.07 24.55
CA LEU B 137 -21.16 9.44 23.15
C LEU B 137 -20.05 8.68 22.40
N GLY B 138 -20.12 8.70 21.07
CA GLY B 138 -19.13 8.02 20.24
C GLY B 138 -19.29 8.18 18.76
N CYS B 139 -18.76 7.21 18.00
CA CYS B 139 -18.81 7.17 16.54
C CYS B 139 -18.84 5.76 16.01
N LEU B 140 -19.61 5.57 14.94
CA LEU B 140 -19.70 4.29 14.25
C LEU B 140 -18.87 4.39 12.97
N VAL B 141 -17.90 3.48 12.82
CA VAL B 141 -16.98 3.38 11.68
C VAL B 141 -17.43 2.13 10.93
N LYS B 142 -18.25 2.33 9.90
CA LYS B 142 -18.92 1.27 9.13
C LYS B 142 -18.44 1.13 7.69
N ASP B 143 -18.57 -0.09 7.14
CA ASP B 143 -18.29 -0.49 5.77
C ASP B 143 -16.92 -0.15 5.18
N TYR B 144 -15.87 -0.76 5.75
CA TYR B 144 -14.50 -0.62 5.26
C TYR B 144 -13.86 -1.99 5.08
N PHE B 145 -12.84 -2.06 4.23
CA PHE B 145 -12.05 -3.25 3.96
C PHE B 145 -10.73 -2.84 3.30
N PRO B 146 -9.58 -3.38 3.77
CA PRO B 146 -9.42 -4.35 4.86
C PRO B 146 -9.21 -3.66 6.22
N GLU B 147 -8.81 -4.43 7.24
CA GLU B 147 -8.43 -3.92 8.55
C GLU B 147 -6.96 -3.43 8.41
N PRO B 148 -6.47 -2.50 9.26
CA PRO B 148 -7.13 -1.87 10.41
C PRO B 148 -7.60 -0.45 10.18
N VAL B 149 -8.42 0.07 11.09
CA VAL B 149 -8.64 1.49 11.30
C VAL B 149 -8.14 1.96 12.64
N THR B 150 -7.87 3.22 12.72
CA THR B 150 -7.44 3.80 14.00
C THR B 150 -8.39 4.93 14.33
N VAL B 151 -8.83 4.99 15.60
CA VAL B 151 -9.74 6.04 16.04
C VAL B 151 -9.21 6.67 17.31
N SER B 152 -8.99 7.99 17.26
CA SER B 152 -8.55 8.79 18.41
C SER B 152 -9.58 9.91 18.64
N TRP B 153 -9.56 10.54 19.83
CA TRP B 153 -10.49 11.60 20.18
C TRP B 153 -9.78 12.92 20.44
N ASN B 154 -10.28 14.00 19.81
CA ASN B 154 -9.77 15.37 19.90
C ASN B 154 -8.25 15.46 19.69
N SER B 155 -7.76 14.79 18.61
CA SER B 155 -6.35 14.73 18.22
C SER B 155 -5.46 14.16 19.34
N GLY B 156 -5.94 13.08 19.95
CA GLY B 156 -5.24 12.36 21.02
C GLY B 156 -5.38 12.92 22.42
N ALA B 157 -5.87 14.17 22.55
CA ALA B 157 -6.06 14.84 23.86
C ALA B 157 -7.02 14.08 24.79
N LEU B 158 -8.10 13.49 24.24
CA LEU B 158 -9.08 12.74 25.01
C LEU B 158 -8.80 11.23 24.94
N THR B 159 -8.22 10.67 26.02
CA THR B 159 -7.86 9.26 26.14
C THR B 159 -8.61 8.56 27.28
N SER B 160 -8.93 9.33 28.36
CA SER B 160 -9.64 8.85 29.55
C SER B 160 -11.06 8.40 29.21
N GLY B 161 -11.40 7.18 29.60
CA GLY B 161 -12.71 6.58 29.39
C GLY B 161 -13.05 6.22 27.96
N VAL B 162 -12.04 6.15 27.06
CA VAL B 162 -12.24 5.79 25.65
C VAL B 162 -12.22 4.27 25.50
N HIS B 163 -13.19 3.74 24.74
CA HIS B 163 -13.31 2.32 24.44
C HIS B 163 -13.55 2.16 22.94
N THR B 164 -12.54 1.63 22.24
CA THR B 164 -12.63 1.34 20.81
C THR B 164 -12.81 -0.17 20.69
N PHE B 165 -13.95 -0.57 20.12
CA PHE B 165 -14.36 -1.96 20.00
C PHE B 165 -13.70 -2.69 18.82
N PRO B 166 -13.37 -3.99 18.96
CA PRO B 166 -12.79 -4.75 17.83
C PRO B 166 -13.70 -4.73 16.60
N ALA B 167 -13.09 -4.74 15.40
CA ALA B 167 -13.86 -4.74 14.16
C ALA B 167 -14.57 -6.05 13.97
N VAL B 168 -15.86 -5.96 13.63
CA VAL B 168 -16.70 -7.12 13.38
C VAL B 168 -16.99 -7.13 11.88
N LEU B 169 -16.78 -8.29 11.25
CA LEU B 169 -17.04 -8.47 9.83
C LEU B 169 -18.55 -8.62 9.64
N GLN B 170 -19.10 -7.87 8.68
CA GLN B 170 -20.53 -7.89 8.35
C GLN B 170 -20.77 -8.92 7.26
N SER B 171 -22.03 -9.39 7.11
CA SER B 171 -22.42 -10.38 6.10
C SER B 171 -22.12 -9.90 4.66
N SER B 172 -22.06 -8.56 4.46
CA SER B 172 -21.71 -7.92 3.18
C SER B 172 -20.22 -8.09 2.83
N GLY B 173 -19.41 -8.51 3.81
CA GLY B 173 -17.98 -8.75 3.64
C GLY B 173 -17.10 -7.57 3.98
N LEU B 174 -17.71 -6.51 4.54
CA LEU B 174 -17.04 -5.29 4.96
C LEU B 174 -17.00 -5.21 6.48
N TYR B 175 -15.99 -4.52 7.02
CA TYR B 175 -15.80 -4.35 8.46
C TYR B 175 -16.52 -3.15 9.01
N SER B 176 -16.82 -3.22 10.30
CA SER B 176 -17.49 -2.17 11.04
C SER B 176 -17.07 -2.27 12.50
N LEU B 177 -17.01 -1.12 13.18
CA LEU B 177 -16.72 -0.99 14.60
C LEU B 177 -17.23 0.33 15.16
N SER B 178 -17.33 0.39 16.49
CA SER B 178 -17.72 1.61 17.18
C SER B 178 -16.65 1.97 18.21
N SER B 179 -16.49 3.28 18.45
CA SER B 179 -15.57 3.84 19.43
C SER B 179 -16.43 4.75 20.27
N VAL B 180 -16.37 4.58 21.60
CA VAL B 180 -17.19 5.34 22.56
C VAL B 180 -16.30 6.06 23.57
N VAL B 181 -16.85 7.13 24.19
CA VAL B 181 -16.16 7.92 25.22
C VAL B 181 -17.17 8.42 26.25
N THR B 182 -16.82 8.26 27.54
CA THR B 182 -17.65 8.72 28.65
C THR B 182 -17.11 10.04 29.16
N VAL B 183 -17.95 11.08 29.11
CA VAL B 183 -17.60 12.44 29.57
C VAL B 183 -18.66 12.97 30.57
N PRO B 184 -18.35 13.95 31.46
CA PRO B 184 -19.41 14.46 32.35
C PRO B 184 -20.47 15.23 31.57
N SER B 185 -21.71 15.22 31.98
CA SER B 185 -22.70 15.97 31.25
C SER B 185 -22.44 17.46 31.32
N SER B 186 -22.02 17.93 32.48
CA SER B 186 -21.53 19.27 32.64
C SER B 186 -20.61 19.70 31.47
N SER B 187 -19.70 18.81 31.11
CA SER B 187 -18.70 19.15 30.12
C SER B 187 -19.24 19.42 28.74
N LEU B 188 -20.45 19.03 28.44
CA LEU B 188 -20.94 18.99 27.07
C LEU B 188 -21.05 20.30 26.39
N GLY B 189 -21.84 21.15 27.00
CA GLY B 189 -22.11 22.51 26.54
C GLY B 189 -20.88 23.31 26.15
N THR B 190 -19.83 23.18 26.97
CA THR B 190 -18.54 23.85 26.77
C THR B 190 -17.74 23.12 25.68
N GLN B 191 -17.24 21.90 26.00
CA GLN B 191 -16.39 21.02 25.18
C GLN B 191 -16.99 20.50 23.88
N THR B 192 -16.17 20.59 22.81
CA THR B 192 -16.43 20.12 21.46
C THR B 192 -15.84 18.70 21.34
N TYR B 193 -16.61 17.75 20.81
CA TYR B 193 -16.16 16.37 20.67
C TYR B 193 -16.03 15.91 19.23
N ILE B 194 -14.79 15.62 18.82
CA ILE B 194 -14.45 15.20 17.46
C ILE B 194 -13.56 13.96 17.53
N CYS B 195 -13.91 12.92 16.77
CA CYS B 195 -13.07 11.73 16.70
C CYS B 195 -12.32 11.73 15.37
N ASN B 196 -11.08 11.28 15.41
CA ASN B 196 -10.18 11.24 14.26
C ASN B 196 -10.06 9.79 13.80
N VAL B 197 -10.72 9.46 12.67
CA VAL B 197 -10.73 8.12 12.06
C VAL B 197 -9.73 8.01 10.92
N ASN B 198 -8.80 7.06 11.03
CA ASN B 198 -7.77 6.84 10.01
C ASN B 198 -7.79 5.43 9.42
N HIS B 199 -7.97 5.34 8.09
CA HIS B 199 -7.96 4.08 7.35
C HIS B 199 -6.86 4.11 6.30
N LYS B 200 -5.62 3.87 6.75
CA LYS B 200 -4.41 3.84 5.94
C LYS B 200 -4.51 2.95 4.67
N PRO B 201 -5.10 1.71 4.70
CA PRO B 201 -5.20 0.91 3.47
C PRO B 201 -5.87 1.56 2.24
N SER B 202 -6.91 2.39 2.46
CA SER B 202 -7.65 3.08 1.39
C SER B 202 -7.31 4.57 1.28
N ASN B 203 -6.37 5.06 2.12
CA ASN B 203 -5.93 6.47 2.17
C ASN B 203 -7.11 7.41 2.52
N THR B 204 -7.92 7.01 3.52
CA THR B 204 -9.09 7.76 4.00
C THR B 204 -8.83 8.33 5.40
N LYS B 205 -9.17 9.60 5.56
CA LYS B 205 -9.04 10.37 6.80
C LYS B 205 -10.34 11.12 6.99
N VAL B 206 -11.03 10.86 8.12
CA VAL B 206 -12.31 11.48 8.47
C VAL B 206 -12.27 11.95 9.93
N ASP B 207 -12.68 13.21 10.14
CA ASP B 207 -12.79 13.84 11.47
C ASP B 207 -14.27 14.19 11.63
N LYS B 208 -14.97 13.48 12.53
CA LYS B 208 -16.41 13.72 12.72
C LYS B 208 -16.78 14.38 14.04
N LYS B 209 -17.46 15.54 13.95
CA LYS B 209 -17.95 16.28 15.11
C LYS B 209 -19.19 15.57 15.62
N VAL B 210 -19.17 15.18 16.91
CA VAL B 210 -20.29 14.51 17.57
C VAL B 210 -20.93 15.55 18.50
N GLU B 211 -22.11 16.03 18.11
CA GLU B 211 -22.87 17.05 18.85
C GLU B 211 -24.28 16.58 19.20
N PRO B 212 -24.85 16.98 20.37
CA PRO B 212 -26.20 16.52 20.75
C PRO B 212 -27.36 16.84 19.81
N LYS C 5 21.06 -9.12 23.93
CA LYS C 5 20.93 -10.16 22.91
C LYS C 5 21.45 -11.52 23.40
N LEU C 6 20.65 -12.58 23.21
CA LEU C 6 20.97 -13.94 23.65
C LEU C 6 21.06 -14.95 22.50
N VAL C 7 21.69 -16.11 22.80
CA VAL C 7 21.78 -17.25 21.90
C VAL C 7 20.50 -18.03 22.21
N PHE C 8 19.39 -17.53 21.65
CA PHE C 8 18.03 -18.03 21.82
C PHE C 8 17.86 -19.47 21.33
N PHE C 9 18.27 -19.71 20.08
CA PHE C 9 18.19 -21.00 19.41
C PHE C 9 19.44 -21.81 19.72
N ALA C 10 19.27 -23.13 19.97
CA ALA C 10 20.38 -24.04 20.29
C ALA C 10 21.36 -24.25 19.13
N GLU C 11 20.94 -23.97 17.88
CA GLU C 11 21.79 -24.11 16.69
C GLU C 11 22.87 -23.02 16.61
N ASP C 12 22.69 -21.90 17.35
CA ASP C 12 23.62 -20.77 17.36
C ASP C 12 24.73 -20.86 18.43
N VAL C 13 24.66 -21.85 19.35
CA VAL C 13 25.65 -22.06 20.43
C VAL C 13 27.06 -22.34 19.88
N GLY C 14 27.12 -23.03 18.74
CA GLY C 14 28.36 -23.32 18.03
C GLY C 14 28.75 -22.19 17.09
N SER C 15 28.42 -20.94 17.47
CA SER C 15 28.69 -19.70 16.76
C SER C 15 28.59 -18.51 17.70
N ASP D 1 24.85 27.04 -9.01
CA ASP D 1 23.86 26.34 -9.78
C ASP D 1 24.00 26.65 -11.24
N VAL D 2 24.87 25.90 -11.89
CA VAL D 2 25.14 26.07 -13.32
C VAL D 2 23.94 25.57 -14.10
N VAL D 3 23.34 26.42 -14.94
CA VAL D 3 22.20 26.00 -15.75
C VAL D 3 22.68 25.45 -17.10
N MET D 4 22.09 24.31 -17.51
CA MET D 4 22.39 23.60 -18.75
C MET D 4 21.33 23.89 -19.80
N THR D 5 21.73 24.55 -20.90
CA THR D 5 20.83 24.95 -21.99
C THR D 5 20.95 23.98 -23.17
N GLN D 6 19.96 23.12 -23.36
CA GLN D 6 19.91 22.09 -24.37
C GLN D 6 19.10 22.47 -25.59
N SER D 7 19.55 22.09 -26.77
CA SER D 7 18.90 22.42 -28.04
C SER D 7 19.08 21.35 -29.12
N PRO D 8 18.02 20.98 -29.89
CA PRO D 8 16.61 21.45 -29.80
C PRO D 8 15.80 20.71 -28.72
N LEU D 9 14.64 21.24 -28.32
CA LEU D 9 13.81 20.55 -27.30
C LEU D 9 13.13 19.33 -27.92
N SER D 10 12.77 19.43 -29.22
CA SER D 10 12.16 18.36 -29.98
C SER D 10 13.06 18.07 -31.17
N LEU D 11 13.57 16.83 -31.26
CA LEU D 11 14.48 16.44 -32.33
C LEU D 11 13.95 15.30 -33.22
N PRO D 12 13.26 15.58 -34.29
CA PRO D 12 12.92 14.44 -35.09
C PRO D 12 14.04 14.22 -36.10
N VAL D 13 14.32 12.97 -36.15
CA VAL D 13 15.45 12.47 -36.92
C VAL D 13 15.06 11.45 -38.00
N THR D 14 15.44 11.69 -39.22
CA THR D 14 15.26 10.72 -40.24
C THR D 14 16.00 9.43 -39.92
N LEU D 15 15.32 8.35 -40.20
CA LEU D 15 15.86 7.05 -40.13
C LEU D 15 17.22 7.00 -40.88
N GLY D 16 18.27 6.60 -40.18
CA GLY D 16 19.57 6.37 -40.78
C GLY D 16 20.47 7.55 -40.98
N GLN D 17 20.01 8.71 -40.57
CA GLN D 17 20.76 9.92 -40.62
C GLN D 17 21.51 10.24 -39.31
N PRO D 18 22.36 11.27 -39.28
CA PRO D 18 22.93 11.68 -37.98
C PRO D 18 22.03 12.62 -37.19
N ALA D 19 22.42 12.91 -35.93
CA ALA D 19 21.70 13.84 -35.05
C ALA D 19 22.68 14.63 -34.19
N SER D 20 22.36 15.90 -33.90
CA SER D 20 23.20 16.78 -33.08
C SER D 20 22.40 17.52 -31.99
N ILE D 21 22.68 17.18 -30.72
CA ILE D 21 22.08 17.80 -29.54
C ILE D 21 23.12 18.73 -28.92
N SER D 22 22.84 20.04 -28.93
CA SER D 22 23.73 21.07 -28.40
C SER D 22 23.47 21.41 -26.93
N CYS D 23 24.54 21.70 -26.19
CA CYS D 23 24.52 22.02 -24.77
C CYS D 23 25.31 23.30 -24.45
N ARG D 24 24.74 24.15 -23.64
CA ARG D 24 25.34 25.39 -23.25
C ARG D 24 25.31 25.53 -21.70
N SER D 25 26.41 25.98 -21.09
CA SER D 25 26.52 26.25 -19.65
C SER D 25 26.71 27.73 -19.31
N SER D 26 26.48 28.07 -18.06
CA SER D 26 26.78 29.41 -17.58
C SER D 26 28.24 29.56 -17.12
N GLN D 27 28.73 28.77 -16.18
CA GLN D 27 30.14 28.87 -15.79
C GLN D 27 30.98 27.86 -16.54
N SER D 28 32.32 27.96 -16.44
CA SER D 28 33.26 26.90 -16.81
C SER D 28 33.01 25.61 -16.03
N LEU D 29 33.21 24.46 -16.70
CA LEU D 29 33.02 23.15 -16.10
C LEU D 29 34.35 22.43 -15.87
N ILE D 30 35.46 23.18 -15.84
CA ILE D 30 36.77 22.60 -15.60
C ILE D 30 37.10 22.62 -14.10
N TYR D 31 37.38 21.45 -13.56
CA TYR D 31 37.58 21.29 -12.14
C TYR D 31 39.00 21.66 -11.77
N SER D 32 39.35 21.45 -10.51
CA SER D 32 40.73 21.56 -10.05
C SER D 32 41.59 20.70 -10.91
N ASP D 33 41.38 19.39 -10.89
CA ASP D 33 42.24 18.50 -11.63
C ASP D 33 42.14 18.76 -13.11
N GLY D 34 41.35 19.74 -13.46
CA GLY D 34 41.16 20.12 -14.85
C GLY D 34 40.34 19.20 -15.73
N ASN D 35 39.46 18.43 -15.13
CA ASN D 35 38.61 17.52 -15.90
C ASN D 35 37.23 18.15 -16.03
N ALA D 36 36.65 18.06 -17.21
CA ALA D 36 35.31 18.59 -17.42
C ALA D 36 34.28 17.50 -17.20
N TYR D 37 33.53 17.60 -16.09
CA TYR D 37 32.52 16.64 -15.71
C TYR D 37 31.14 16.91 -16.32
N LEU D 38 31.09 16.99 -17.64
CA LEU D 38 29.89 17.15 -18.39
C LEU D 38 29.50 15.80 -18.94
N HIS D 39 28.25 15.36 -18.67
CA HIS D 39 27.76 14.03 -19.04
C HIS D 39 26.54 14.04 -19.94
N TRP D 40 26.25 12.88 -20.56
CA TRP D 40 25.12 12.63 -21.44
C TRP D 40 24.42 11.36 -21.01
N PHE D 41 23.09 11.43 -20.92
CA PHE D 41 22.23 10.33 -20.48
C PHE D 41 21.13 10.09 -21.49
N LEU D 42 20.50 8.92 -21.40
CA LEU D 42 19.36 8.53 -22.21
C LEU D 42 18.36 7.78 -21.35
N GLN D 43 17.11 8.22 -21.40
CA GLN D 43 15.99 7.63 -20.69
C GLN D 43 15.04 7.09 -21.74
N LYS D 44 15.00 5.78 -21.87
CA LYS D 44 14.23 5.15 -22.89
C LYS D 44 12.79 5.48 -22.55
N PRO D 45 11.93 5.22 -23.50
CA PRO D 45 10.54 5.69 -23.37
C PRO D 45 9.83 5.27 -22.08
N GLY D 46 9.96 4.00 -21.70
CA GLY D 46 9.28 3.43 -20.54
C GLY D 46 10.06 3.29 -19.24
N GLN D 47 11.41 3.39 -19.27
CA GLN D 47 12.18 3.20 -18.04
C GLN D 47 13.25 4.27 -17.62
N SER D 48 14.16 3.87 -16.70
CA SER D 48 15.22 4.65 -16.05
C SER D 48 16.33 5.23 -16.96
N PRO D 49 16.90 6.42 -16.61
CA PRO D 49 17.99 6.98 -17.43
C PRO D 49 19.30 6.21 -17.28
N ARG D 50 19.99 5.94 -18.38
CA ARG D 50 21.30 5.32 -18.34
C ARG D 50 22.34 6.24 -18.93
N LEU D 51 23.54 6.14 -18.42
CA LEU D 51 24.67 6.99 -18.82
C LEU D 51 25.27 6.53 -20.16
N LEU D 52 25.43 7.46 -21.11
CA LEU D 52 26.01 7.16 -22.42
C LEU D 52 27.45 7.64 -22.50
N ILE D 53 27.66 8.95 -22.29
CA ILE D 53 29.01 9.53 -22.30
C ILE D 53 29.30 10.18 -20.97
N TYR D 54 30.30 9.65 -20.23
CA TYR D 54 30.68 10.18 -18.92
C TYR D 54 31.48 11.47 -18.82
N LYS D 55 32.68 11.56 -19.36
CA LYS D 55 33.38 12.76 -19.27
C LYS D 55 33.85 13.54 -20.43
N VAL D 56 32.97 14.32 -21.02
CA VAL D 56 33.15 14.91 -22.31
C VAL D 56 33.04 14.04 -23.50
N SER D 57 33.88 13.01 -23.59
CA SER D 57 34.02 12.21 -24.81
C SER D 57 34.01 10.71 -24.69
N ASN D 58 34.14 10.24 -23.48
CA ASN D 58 34.24 8.85 -23.06
C ASN D 58 32.94 8.09 -23.08
N ARG D 59 32.77 7.08 -23.89
CA ARG D 59 31.53 6.34 -23.83
C ARG D 59 31.57 5.25 -22.80
N PHE D 60 30.38 4.84 -22.34
CA PHE D 60 30.21 3.86 -21.27
C PHE D 60 29.97 2.47 -21.89
N SER D 61 29.76 1.39 -21.12
CA SER D 61 29.56 0.00 -21.56
C SER D 61 28.14 -0.21 -22.07
N GLY D 62 28.02 -0.89 -23.21
CA GLY D 62 26.75 -1.17 -23.87
C GLY D 62 26.31 -0.05 -24.79
N VAL D 63 27.12 1.04 -24.86
CA VAL D 63 26.89 2.22 -25.69
C VAL D 63 27.70 2.01 -26.97
N PRO D 64 27.03 1.91 -28.15
CA PRO D 64 27.77 1.68 -29.42
C PRO D 64 28.69 2.83 -29.83
N ASP D 65 29.51 2.57 -30.87
CA ASP D 65 30.46 3.52 -31.47
C ASP D 65 29.74 4.71 -32.13
N ARG D 66 28.43 4.53 -32.42
CA ARG D 66 27.50 5.50 -33.02
C ARG D 66 27.41 6.79 -32.21
N PHE D 67 27.44 6.70 -30.86
CA PHE D 67 27.39 7.84 -29.96
C PHE D 67 28.77 8.42 -29.74
N SER D 68 28.87 9.75 -29.91
CA SER D 68 30.11 10.50 -29.77
C SER D 68 29.82 11.78 -29.00
N GLY D 69 30.84 12.25 -28.29
CA GLY D 69 30.77 13.48 -27.51
C GLY D 69 31.96 14.38 -27.75
N SER D 70 31.71 15.71 -27.72
CA SER D 70 32.70 16.76 -27.89
C SER D 70 32.21 18.07 -27.25
N GLY D 71 33.16 18.93 -26.87
CA GLY D 71 32.83 20.21 -26.25
C GLY D 71 34.01 20.93 -25.65
N SER D 72 33.76 22.20 -25.37
CA SER D 72 34.72 23.11 -24.86
C SER D 72 34.15 24.26 -24.04
N GLY D 73 34.54 24.36 -22.79
CA GLY D 73 34.24 25.54 -22.02
C GLY D 73 32.79 25.58 -21.60
N THR D 74 31.96 26.23 -22.39
CA THR D 74 30.56 26.42 -22.09
C THR D 74 29.70 25.91 -23.20
N ASP D 75 30.34 25.50 -24.29
CA ASP D 75 29.61 24.93 -25.41
C ASP D 75 29.99 23.46 -25.60
N PHE D 76 28.96 22.59 -25.67
CA PHE D 76 29.13 21.14 -25.81
C PHE D 76 28.12 20.57 -26.80
N THR D 77 28.39 19.35 -27.31
CA THR D 77 27.52 18.68 -28.28
C THR D 77 27.58 17.15 -28.21
N LEU D 78 26.44 16.50 -28.47
CA LEU D 78 26.31 15.05 -28.54
C LEU D 78 25.90 14.69 -29.96
N LYS D 79 26.70 13.83 -30.60
CA LYS D 79 26.45 13.39 -31.98
C LYS D 79 26.28 11.89 -32.13
N ILE D 80 25.26 11.50 -32.90
CA ILE D 80 24.91 10.12 -33.22
C ILE D 80 25.19 9.96 -34.73
N SER D 81 25.83 8.84 -35.15
CA SER D 81 26.21 8.57 -36.55
C SER D 81 24.99 8.25 -37.42
N ARG D 82 24.27 7.16 -37.12
CA ARG D 82 23.06 6.72 -37.80
C ARG D 82 22.05 6.32 -36.73
N VAL D 83 20.89 6.96 -36.73
CA VAL D 83 19.87 6.73 -35.72
C VAL D 83 19.03 5.46 -35.96
N GLU D 84 19.08 4.51 -35.01
CA GLU D 84 18.31 3.26 -35.03
C GLU D 84 17.05 3.49 -34.33
N ALA D 85 16.01 2.71 -34.58
CA ALA D 85 14.69 2.88 -33.96
C ALA D 85 14.65 2.59 -32.44
N GLU D 86 15.82 2.33 -31.84
CA GLU D 86 16.00 2.06 -30.42
C GLU D 86 16.66 3.27 -29.71
N ASP D 87 17.15 4.24 -30.52
CA ASP D 87 17.78 5.48 -30.04
C ASP D 87 16.73 6.51 -29.61
N VAL D 88 15.43 6.14 -29.74
CA VAL D 88 14.25 6.93 -29.37
C VAL D 88 14.27 7.13 -27.85
N GLY D 89 13.95 8.35 -27.41
CA GLY D 89 13.90 8.70 -25.99
C GLY D 89 14.27 10.13 -25.68
N VAL D 90 14.52 10.40 -24.38
CA VAL D 90 14.92 11.72 -23.91
C VAL D 90 16.38 11.72 -23.52
N TYR D 91 17.15 12.58 -24.19
CA TYR D 91 18.58 12.77 -23.97
C TYR D 91 18.79 13.96 -23.03
N TYR D 92 19.65 13.80 -22.02
CA TYR D 92 19.94 14.83 -21.03
C TYR D 92 21.42 15.09 -20.91
N CYS D 93 21.77 16.37 -20.76
CA CYS D 93 23.12 16.81 -20.49
C CYS D 93 23.14 17.21 -19.01
N SER D 94 24.32 17.23 -18.42
CA SER D 94 24.50 17.27 -17.02
C SER D 94 25.86 17.85 -16.57
N GLN D 95 25.96 18.25 -15.33
CA GLN D 95 27.18 18.74 -14.81
C GLN D 95 27.34 18.31 -13.35
N SER D 96 28.51 17.77 -13.01
CA SER D 96 28.84 17.26 -11.67
C SER D 96 30.14 17.87 -11.09
N THR D 97 30.59 19.00 -11.65
CA THR D 97 31.80 19.72 -11.19
C THR D 97 31.47 20.58 -9.98
N HIS D 98 30.24 21.12 -9.97
CA HIS D 98 29.72 21.96 -8.89
C HIS D 98 28.56 21.25 -8.20
N VAL D 99 28.39 21.50 -6.90
CA VAL D 99 27.29 20.96 -6.10
C VAL D 99 26.32 22.16 -5.96
N PRO D 100 25.04 22.08 -6.40
CA PRO D 100 24.29 20.90 -6.89
C PRO D 100 24.56 20.40 -8.31
N TRP D 101 24.31 19.09 -8.52
CA TRP D 101 24.34 18.36 -9.77
C TRP D 101 23.11 18.88 -10.53
N THR D 102 23.33 19.45 -11.72
CA THR D 102 22.26 20.04 -12.53
C THR D 102 22.10 19.36 -13.88
N PHE D 103 20.85 19.24 -14.35
CA PHE D 103 20.50 18.60 -15.62
C PHE D 103 19.98 19.62 -16.63
N GLY D 104 19.96 19.21 -17.90
CA GLY D 104 19.42 20.01 -18.99
C GLY D 104 17.94 19.73 -19.18
N GLN D 105 17.24 20.64 -19.86
CA GLN D 105 15.79 20.58 -20.13
C GLN D 105 15.32 19.23 -20.71
N GLY D 106 16.21 18.56 -21.44
CA GLY D 106 15.93 17.29 -22.08
C GLY D 106 15.52 17.47 -23.53
N THR D 107 15.99 16.56 -24.40
CA THR D 107 15.72 16.54 -25.83
C THR D 107 14.94 15.27 -26.21
N LYS D 108 13.74 15.45 -26.78
CA LYS D 108 12.90 14.34 -27.22
C LYS D 108 13.30 13.91 -28.62
N VAL D 109 13.94 12.74 -28.72
CA VAL D 109 14.40 12.19 -30.00
C VAL D 109 13.31 11.35 -30.65
N GLU D 110 12.72 11.90 -31.70
CA GLU D 110 11.63 11.31 -32.49
C GLU D 110 12.21 10.92 -33.83
N ILE D 111 11.56 9.97 -34.52
CA ILE D 111 12.02 9.54 -35.84
C ILE D 111 11.09 9.97 -36.99
N LYS D 112 11.65 10.72 -37.97
CA LYS D 112 10.91 11.22 -39.11
C LYS D 112 10.72 10.11 -40.15
N ARG D 113 9.45 9.74 -40.35
CA ARG D 113 9.01 8.71 -41.29
C ARG D 113 7.99 9.29 -42.30
N THR D 114 7.52 8.43 -43.23
CA THR D 114 6.53 8.79 -44.25
C THR D 114 5.16 9.14 -43.63
N VAL D 115 4.31 9.80 -44.40
CA VAL D 115 2.95 10.19 -43.96
C VAL D 115 2.07 8.93 -43.97
N ALA D 116 1.32 8.71 -42.87
CA ALA D 116 0.40 7.57 -42.72
C ALA D 116 -0.99 8.10 -42.38
N ALA D 117 -2.02 7.57 -43.05
CA ALA D 117 -3.42 7.95 -42.83
C ALA D 117 -4.00 7.17 -41.64
N PRO D 118 -4.81 7.79 -40.76
CA PRO D 118 -5.36 7.04 -39.62
C PRO D 118 -6.55 6.17 -40.00
N SER D 119 -6.72 5.03 -39.29
CA SER D 119 -7.86 4.14 -39.49
C SER D 119 -8.80 4.41 -38.31
N VAL D 120 -9.94 5.04 -38.61
CA VAL D 120 -10.93 5.49 -37.63
C VAL D 120 -12.01 4.44 -37.33
N PHE D 121 -12.26 4.20 -36.01
CA PHE D 121 -13.27 3.28 -35.49
C PHE D 121 -14.07 4.00 -34.41
N ILE D 122 -15.41 3.94 -34.48
CA ILE D 122 -16.30 4.56 -33.51
C ILE D 122 -16.94 3.50 -32.61
N PHE D 123 -16.74 3.63 -31.29
CA PHE D 123 -17.27 2.68 -30.33
C PHE D 123 -18.43 3.26 -29.54
N PRO D 124 -19.62 2.60 -29.57
CA PRO D 124 -20.76 3.11 -28.80
C PRO D 124 -20.62 2.77 -27.31
N PRO D 125 -21.20 3.56 -26.37
CA PRO D 125 -21.09 3.19 -24.95
C PRO D 125 -21.82 1.89 -24.65
N SER D 126 -21.20 1.01 -23.86
CA SER D 126 -21.75 -0.30 -23.50
C SER D 126 -23.06 -0.22 -22.73
N ASP D 127 -23.86 -1.29 -22.82
CA ASP D 127 -25.14 -1.46 -22.14
C ASP D 127 -24.92 -1.58 -20.63
N GLU D 128 -23.76 -2.17 -20.24
CA GLU D 128 -23.29 -2.36 -18.86
C GLU D 128 -23.11 -0.99 -18.19
N GLN D 129 -22.51 -0.02 -18.91
CA GLN D 129 -22.28 1.36 -18.48
C GLN D 129 -23.58 2.14 -18.50
N LEU D 130 -24.45 1.85 -19.48
CA LEU D 130 -25.73 2.51 -19.67
C LEU D 130 -26.69 2.44 -18.48
N LYS D 131 -26.68 1.36 -17.72
CA LYS D 131 -27.55 1.26 -16.56
C LYS D 131 -26.90 1.74 -15.25
N SER D 132 -25.81 2.47 -15.37
CA SER D 132 -25.06 3.05 -14.26
C SER D 132 -25.28 4.56 -14.07
N GLY D 133 -25.54 5.28 -15.15
CA GLY D 133 -25.78 6.72 -15.09
C GLY D 133 -25.08 7.59 -16.12
N THR D 134 -23.92 7.12 -16.64
CA THR D 134 -23.14 7.86 -17.64
C THR D 134 -22.90 7.00 -18.89
N ALA D 135 -22.62 7.66 -20.01
CA ALA D 135 -22.32 7.04 -21.30
C ALA D 135 -21.01 7.60 -21.83
N SER D 136 -20.12 6.72 -22.32
CA SER D 136 -18.84 7.14 -22.86
C SER D 136 -18.61 6.72 -24.30
N VAL D 137 -18.66 7.70 -25.21
CA VAL D 137 -18.47 7.49 -26.65
C VAL D 137 -16.98 7.58 -26.96
N VAL D 138 -16.41 6.53 -27.56
CA VAL D 138 -14.97 6.48 -27.81
C VAL D 138 -14.64 6.40 -29.30
N CYS D 139 -13.71 7.25 -29.76
CA CYS D 139 -13.20 7.24 -31.13
C CYS D 139 -11.73 6.82 -31.13
N LEU D 140 -11.36 5.90 -32.03
CA LEU D 140 -10.00 5.41 -32.16
C LEU D 140 -9.41 5.77 -33.52
N LEU D 141 -8.22 6.39 -33.50
CA LEU D 141 -7.43 6.77 -34.66
C LEU D 141 -6.19 5.87 -34.56
N ASN D 142 -6.10 4.82 -35.39
CA ASN D 142 -5.00 3.86 -35.31
C ASN D 142 -3.94 3.99 -36.39
N ASN D 143 -2.66 3.91 -35.97
CA ASN D 143 -1.44 3.93 -36.80
C ASN D 143 -0.92 5.02 -37.76
N PHE D 144 -1.19 6.29 -37.43
CA PHE D 144 -0.76 7.43 -38.24
C PHE D 144 0.46 8.25 -37.90
N TYR D 145 0.99 8.94 -38.93
CA TYR D 145 2.11 9.88 -38.84
C TYR D 145 1.80 11.08 -39.77
N PRO D 146 2.00 12.35 -39.33
CA PRO D 146 2.53 12.78 -38.02
C PRO D 146 1.49 12.78 -36.91
N ARG D 147 1.97 12.96 -35.67
CA ARG D 147 1.24 12.98 -34.41
C ARG D 147 -0.06 13.81 -34.42
N GLU D 148 -0.05 14.88 -35.17
CA GLU D 148 -1.10 15.87 -35.16
C GLU D 148 -2.36 15.46 -35.89
N ALA D 149 -3.51 15.61 -35.25
CA ALA D 149 -4.81 15.22 -35.82
C ALA D 149 -5.94 15.97 -35.13
N LYS D 150 -6.97 16.35 -35.91
CA LYS D 150 -8.14 17.07 -35.41
C LYS D 150 -9.30 16.10 -35.22
N VAL D 151 -9.98 16.21 -34.07
CA VAL D 151 -11.14 15.39 -33.75
C VAL D 151 -12.31 16.28 -33.37
N GLN D 152 -13.42 16.09 -34.07
CA GLN D 152 -14.65 16.76 -33.77
C GLN D 152 -15.78 15.78 -33.56
N TRP D 153 -16.52 16.01 -32.47
CA TRP D 153 -17.66 15.18 -32.08
C TRP D 153 -18.97 15.85 -32.52
N LYS D 154 -19.80 15.12 -33.29
CA LYS D 154 -21.10 15.61 -33.77
C LYS D 154 -22.27 14.76 -33.25
N VAL D 155 -23.08 15.34 -32.35
CA VAL D 155 -24.26 14.69 -31.76
C VAL D 155 -25.49 15.27 -32.45
N ASP D 156 -26.08 14.46 -33.37
CA ASP D 156 -27.20 14.82 -34.26
C ASP D 156 -26.81 16.01 -35.13
N ASN D 157 -25.56 15.94 -35.66
CA ASN D 157 -24.84 16.92 -36.51
C ASN D 157 -24.36 18.19 -35.77
N ALA D 158 -24.81 18.41 -34.52
CA ALA D 158 -24.41 19.55 -33.69
C ALA D 158 -23.01 19.34 -33.12
N LEU D 159 -22.12 20.33 -33.31
CA LEU D 159 -20.73 20.28 -32.85
C LEU D 159 -20.62 20.41 -31.33
N GLN D 160 -19.79 19.54 -30.71
CA GLN D 160 -19.56 19.48 -29.26
C GLN D 160 -18.29 20.23 -28.86
N SER D 161 -18.29 20.79 -27.62
CA SER D 161 -17.17 21.56 -27.06
C SER D 161 -17.15 21.52 -25.52
N GLY D 162 -15.97 21.24 -24.97
CA GLY D 162 -15.73 21.17 -23.53
C GLY D 162 -16.01 19.89 -22.77
N ASN D 163 -16.42 18.83 -23.48
CA ASN D 163 -16.74 17.51 -22.93
C ASN D 163 -15.99 16.31 -23.58
N SER D 164 -14.81 16.60 -24.15
CA SER D 164 -13.97 15.61 -24.84
C SER D 164 -12.52 15.61 -24.36
N GLN D 165 -12.04 14.43 -23.89
CA GLN D 165 -10.68 14.21 -23.40
C GLN D 165 -9.97 13.27 -24.36
N GLU D 166 -8.72 13.62 -24.75
CA GLU D 166 -7.94 12.80 -25.67
C GLU D 166 -6.58 12.37 -25.13
N SER D 167 -6.10 11.20 -25.60
CA SER D 167 -4.83 10.63 -25.18
C SER D 167 -4.08 10.04 -26.38
N VAL D 168 -2.79 10.34 -26.50
CA VAL D 168 -1.95 9.86 -27.58
C VAL D 168 -0.88 8.92 -27.02
N THR D 169 -0.68 7.76 -27.69
CA THR D 169 0.35 6.80 -27.32
C THR D 169 1.70 7.34 -27.81
N GLU D 170 2.82 6.86 -27.24
CA GLU D 170 4.15 7.29 -27.64
C GLU D 170 4.54 6.67 -28.98
N GLN D 171 5.49 7.30 -29.71
CA GLN D 171 5.96 6.81 -31.01
C GLN D 171 6.46 5.37 -30.86
N ASP D 172 5.84 4.49 -31.63
CA ASP D 172 6.13 3.08 -31.68
C ASP D 172 7.53 2.72 -32.17
N SER D 173 8.13 1.69 -31.58
CA SER D 173 9.49 1.35 -31.92
C SER D 173 9.54 0.38 -33.06
N LYS D 174 8.37 -0.01 -33.52
CA LYS D 174 8.16 -0.92 -34.63
C LYS D 174 7.85 -0.20 -35.96
N ASP D 175 6.64 0.33 -36.10
CA ASP D 175 6.27 1.05 -37.32
C ASP D 175 6.33 2.57 -37.22
N SER D 176 6.66 3.05 -36.05
CA SER D 176 6.76 4.47 -35.65
C SER D 176 5.55 5.37 -35.91
N THR D 177 4.37 4.79 -35.72
CA THR D 177 3.11 5.49 -35.87
C THR D 177 2.54 5.85 -34.52
N TYR D 178 1.57 6.76 -34.52
CA TYR D 178 0.88 7.24 -33.33
C TYR D 178 -0.56 6.74 -33.36
N SER D 179 -1.16 6.63 -32.17
CA SER D 179 -2.55 6.24 -31.99
C SER D 179 -3.20 7.23 -31.01
N LEU D 180 -4.42 7.68 -31.31
CA LEU D 180 -5.13 8.66 -30.49
C LEU D 180 -6.51 8.15 -30.10
N SER D 181 -6.88 8.30 -28.81
CA SER D 181 -8.19 7.92 -28.29
C SER D 181 -8.92 9.18 -27.84
N SER D 182 -10.11 9.43 -28.35
CA SER D 182 -10.89 10.57 -27.91
C SER D 182 -12.18 10.12 -27.32
N THR D 183 -12.45 10.56 -26.13
CA THR D 183 -13.61 10.13 -25.36
C THR D 183 -14.61 11.25 -25.07
N LEU D 184 -15.87 11.03 -25.48
CA LEU D 184 -16.98 11.95 -25.25
C LEU D 184 -17.81 11.41 -24.09
N THR D 185 -17.80 12.13 -22.96
CA THR D 185 -18.51 11.74 -21.75
C THR D 185 -19.83 12.51 -21.63
N LEU D 186 -20.95 11.77 -21.60
CA LEU D 186 -22.31 12.31 -21.49
C LEU D 186 -23.12 11.47 -20.49
N SER D 187 -24.18 12.07 -19.89
CA SER D 187 -25.07 11.37 -18.96
C SER D 187 -26.03 10.45 -19.75
N LYS D 188 -26.64 9.45 -19.07
CA LYS D 188 -27.59 8.50 -19.67
C LYS D 188 -28.81 9.22 -20.28
N ALA D 189 -29.31 10.27 -19.58
CA ALA D 189 -30.45 11.08 -20.00
C ALA D 189 -30.17 11.82 -21.31
N ASP D 190 -28.95 12.38 -21.45
CA ASP D 190 -28.52 13.13 -22.64
C ASP D 190 -28.19 12.21 -23.83
N TYR D 191 -27.75 11.02 -23.54
CA TYR D 191 -27.35 10.14 -24.61
C TYR D 191 -28.54 9.48 -25.27
N GLU D 192 -29.61 9.22 -24.54
CA GLU D 192 -30.74 8.55 -25.11
C GLU D 192 -31.65 9.53 -25.94
N LYS D 193 -31.57 10.81 -25.61
CA LYS D 193 -32.22 11.88 -26.34
C LYS D 193 -31.97 11.91 -27.84
N HIS D 194 -30.72 11.83 -28.17
CA HIS D 194 -30.22 11.95 -29.55
C HIS D 194 -30.04 10.58 -30.22
N LYS D 195 -29.79 10.59 -31.52
CA LYS D 195 -29.68 9.37 -32.30
C LYS D 195 -28.37 9.15 -33.02
N VAL D 196 -27.95 10.13 -33.84
CA VAL D 196 -26.70 10.04 -34.60
C VAL D 196 -25.49 10.51 -33.80
N TYR D 197 -24.43 9.70 -33.79
CA TYR D 197 -23.18 9.98 -33.10
C TYR D 197 -22.01 9.82 -34.07
N ALA D 198 -21.32 10.93 -34.37
CA ALA D 198 -20.21 10.94 -35.33
C ALA D 198 -18.95 11.63 -34.82
N CYS D 199 -17.82 11.32 -35.45
CA CYS D 199 -16.51 11.87 -35.16
C CYS D 199 -15.79 12.21 -36.47
N GLU D 200 -15.56 13.51 -36.71
CA GLU D 200 -14.87 13.99 -37.91
C GLU D 200 -13.37 14.02 -37.66
N VAL D 201 -12.61 13.34 -38.53
CA VAL D 201 -11.15 13.28 -38.40
C VAL D 201 -10.44 14.04 -39.52
N THR D 202 -9.68 15.09 -39.14
CA THR D 202 -8.89 15.90 -40.06
C THR D 202 -7.42 15.56 -39.85
N HIS D 203 -6.77 15.02 -40.89
CA HIS D 203 -5.36 14.62 -40.87
C HIS D 203 -4.69 14.90 -42.22
N GLN D 204 -3.34 14.99 -42.22
CA GLN D 204 -2.51 15.25 -43.40
C GLN D 204 -2.53 14.06 -44.38
N GLY D 205 -2.62 12.84 -43.84
CA GLY D 205 -2.67 11.61 -44.61
C GLY D 205 -3.96 11.40 -45.38
N LEU D 206 -5.00 12.12 -44.99
CA LEU D 206 -6.33 12.01 -45.57
C LEU D 206 -6.62 13.01 -46.71
N SER D 207 -7.07 12.52 -47.87
CA SER D 207 -7.45 13.42 -48.97
C SER D 207 -8.44 14.49 -48.50
N SER D 208 -9.37 14.08 -47.67
CA SER D 208 -10.39 14.93 -47.13
C SER D 208 -10.90 14.27 -45.87
N PRO D 209 -11.74 15.05 -45.06
CA PRO D 209 -12.11 14.40 -43.80
C PRO D 209 -12.92 13.10 -43.84
N VAL D 210 -12.55 12.17 -42.99
CA VAL D 210 -13.26 10.90 -42.83
C VAL D 210 -14.15 10.97 -41.58
N THR D 211 -15.44 10.60 -41.72
CA THR D 211 -16.39 10.63 -40.61
C THR D 211 -17.04 9.26 -40.39
N LYS D 212 -16.74 8.64 -39.23
CA LYS D 212 -17.30 7.36 -38.81
C LYS D 212 -18.45 7.65 -37.85
N SER D 213 -19.63 7.08 -38.14
CA SER D 213 -20.84 7.29 -37.35
C SER D 213 -21.61 6.02 -37.02
N PHE D 214 -22.50 6.12 -36.02
CA PHE D 214 -23.40 5.04 -35.59
C PHE D 214 -24.74 5.62 -35.13
N ASN D 215 -25.80 4.84 -35.34
CA ASN D 215 -27.08 5.14 -34.80
C ASN D 215 -27.28 4.31 -33.58
N ARG D 216 -28.31 4.66 -32.85
CA ARG D 216 -28.62 4.09 -31.57
C ARG D 216 -29.51 2.89 -31.87
N GLY D 217 -28.90 1.79 -32.25
CA GLY D 217 -29.63 0.56 -32.55
C GLY D 217 -29.37 -0.13 -33.84
N VAL E 2 26.99 -3.75 -10.65
CA VAL E 2 26.58 -2.54 -9.95
C VAL E 2 25.06 -2.42 -9.91
N GLN E 3 24.48 -2.60 -8.71
CA GLN E 3 23.03 -2.53 -8.50
C GLN E 3 22.63 -1.41 -7.52
N LEU E 4 21.48 -0.80 -7.74
CA LEU E 4 20.77 0.11 -6.83
C LEU E 4 19.29 -0.23 -6.85
N VAL E 5 18.78 -0.59 -5.71
CA VAL E 5 17.38 -0.99 -5.56
C VAL E 5 16.67 -0.04 -4.60
N GLU E 6 15.57 0.60 -5.06
CA GLU E 6 14.79 1.54 -4.25
C GLU E 6 13.52 0.92 -3.75
N SER E 7 13.27 1.12 -2.45
CA SER E 7 12.09 0.63 -1.77
C SER E 7 11.53 1.72 -0.86
N GLY E 8 10.25 1.61 -0.51
CA GLY E 8 9.57 2.53 0.40
C GLY E 8 8.45 3.39 -0.15
N GLY E 9 8.39 3.55 -1.46
CA GLY E 9 7.41 4.40 -2.14
C GLY E 9 5.94 4.05 -1.94
N GLY E 10 5.06 4.93 -2.40
CA GLY E 10 3.63 4.71 -2.29
C GLY E 10 2.76 5.94 -2.14
N LEU E 11 1.47 5.69 -1.86
CA LEU E 11 0.42 6.70 -1.67
C LEU E 11 0.43 7.29 -0.24
N VAL E 12 0.53 8.61 -0.16
CA VAL E 12 0.57 9.35 1.11
C VAL E 12 -0.37 10.56 1.09
N GLN E 13 -0.94 10.89 2.25
CA GLN E 13 -1.80 12.06 2.44
C GLN E 13 -0.93 13.36 2.37
N PRO E 14 -1.44 14.51 1.86
CA PRO E 14 -0.63 15.73 1.91
C PRO E 14 -0.36 16.15 3.36
N GLY E 15 0.92 16.38 3.66
CA GLY E 15 1.40 16.73 4.98
C GLY E 15 1.95 15.53 5.72
N GLY E 16 2.10 14.42 4.99
CA GLY E 16 2.61 13.16 5.50
C GLY E 16 4.11 13.00 5.40
N SER E 17 4.60 11.84 5.84
CA SER E 17 6.00 11.47 5.84
C SER E 17 6.19 10.10 5.17
N LEU E 18 7.35 9.91 4.54
CA LEU E 18 7.77 8.66 3.89
C LEU E 18 9.28 8.53 3.97
N ARG E 19 9.77 7.28 4.07
CA ARG E 19 11.21 7.02 4.17
C ARG E 19 11.66 6.05 3.09
N LEU E 20 12.24 6.61 2.02
CA LEU E 20 12.75 5.84 0.89
C LEU E 20 14.13 5.28 1.21
N SER E 21 14.34 4.00 0.89
CA SER E 21 15.62 3.31 1.12
C SER E 21 16.22 2.83 -0.20
N CYS E 22 17.56 2.73 -0.25
CA CYS E 22 18.24 2.23 -1.43
C CYS E 22 19.40 1.32 -1.10
N ALA E 23 19.27 0.04 -1.48
CA ALA E 23 20.31 -0.99 -1.27
C ALA E 23 21.32 -0.91 -2.41
N ALA E 24 22.56 -0.55 -2.07
CA ALA E 24 23.68 -0.41 -3.01
C ALA E 24 24.55 -1.65 -2.95
N SER E 25 25.03 -2.12 -4.12
CA SER E 25 25.86 -3.32 -4.15
C SER E 25 26.92 -3.32 -5.25
N GLY E 26 28.05 -3.96 -4.94
CA GLY E 26 29.21 -4.17 -5.81
C GLY E 26 30.11 -3.10 -6.40
N PHE E 27 30.05 -1.85 -5.88
CA PHE E 27 30.89 -0.72 -6.34
C PHE E 27 31.69 0.16 -5.36
N THR E 28 31.90 -0.27 -4.10
CA THR E 28 32.57 0.50 -3.02
C THR E 28 31.81 1.81 -2.72
N PHE E 29 30.60 1.66 -2.18
CA PHE E 29 29.64 2.71 -1.83
C PHE E 29 30.21 3.87 -1.00
N SER E 30 31.05 3.57 0.01
CA SER E 30 31.67 4.54 0.93
C SER E 30 32.63 5.55 0.29
N ARG E 31 33.12 5.24 -0.93
CA ARG E 31 34.08 6.07 -1.67
C ARG E 31 33.43 7.13 -2.59
N TYR E 32 32.12 6.99 -2.86
CA TYR E 32 31.44 7.89 -3.78
C TYR E 32 30.26 8.69 -3.22
N SER E 33 30.00 9.85 -3.85
CA SER E 33 28.87 10.71 -3.54
C SER E 33 27.60 10.10 -4.14
N MET E 34 26.48 10.19 -3.42
CA MET E 34 25.19 9.63 -3.84
C MET E 34 24.09 10.68 -3.82
N SER E 35 23.03 10.46 -4.61
CA SER E 35 21.95 11.41 -4.74
C SER E 35 20.58 10.78 -5.01
N TRP E 36 19.52 11.57 -4.82
CA TRP E 36 18.14 11.21 -5.10
C TRP E 36 17.67 12.21 -6.14
N VAL E 37 17.26 11.72 -7.32
CA VAL E 37 16.78 12.56 -8.42
C VAL E 37 15.31 12.17 -8.66
N ARG E 38 14.44 13.17 -8.84
CA ARG E 38 13.03 12.91 -9.07
C ARG E 38 12.52 13.33 -10.46
N GLN E 39 11.49 12.62 -10.92
CA GLN E 39 10.84 12.90 -12.18
C GLN E 39 9.33 12.84 -12.02
N ALA E 40 8.70 14.01 -12.00
CA ALA E 40 7.25 14.17 -11.93
C ALA E 40 6.68 13.75 -13.28
N PRO E 41 5.47 13.13 -13.35
CA PRO E 41 4.93 12.72 -14.66
C PRO E 41 4.88 13.84 -15.70
N GLY E 42 5.38 13.57 -16.90
CA GLY E 42 5.44 14.51 -18.01
C GLY E 42 6.52 15.58 -17.89
N LYS E 43 7.50 15.36 -16.99
CA LYS E 43 8.58 16.34 -16.74
C LYS E 43 9.98 15.73 -16.88
N GLY E 44 11.01 16.56 -16.67
CA GLY E 44 12.40 16.16 -16.76
C GLY E 44 12.97 15.70 -15.43
N LEU E 45 14.31 15.62 -15.34
CA LEU E 45 15.01 15.21 -14.13
C LEU E 45 15.33 16.39 -13.22
N GLU E 46 15.00 16.25 -11.92
CA GLU E 46 15.21 17.28 -10.89
C GLU E 46 15.82 16.66 -9.64
N LEU E 47 17.00 17.16 -9.22
CA LEU E 47 17.71 16.67 -8.04
C LEU E 47 16.93 16.99 -6.75
N VAL E 48 16.90 16.03 -5.81
CA VAL E 48 16.23 16.19 -4.52
C VAL E 48 17.24 16.44 -3.41
N ALA E 49 18.31 15.64 -3.37
CA ALA E 49 19.34 15.76 -2.34
C ALA E 49 20.65 15.12 -2.76
N GLN E 50 21.77 15.72 -2.34
CA GLN E 50 23.09 15.20 -2.64
C GLN E 50 23.89 15.10 -1.36
N ILE E 51 24.60 13.98 -1.21
CA ILE E 51 25.44 13.72 -0.05
C ILE E 51 26.84 13.32 -0.53
N ASN E 52 27.88 13.64 0.25
CA ASN E 52 29.25 13.28 -0.10
C ASN E 52 29.57 11.87 0.40
N SER E 53 30.73 11.32 -0.04
CA SER E 53 31.20 9.95 0.29
C SER E 53 31.01 9.47 1.73
N VAL E 54 31.25 10.35 2.72
CA VAL E 54 31.13 9.97 4.14
C VAL E 54 29.90 10.50 4.89
N GLY E 55 29.23 11.50 4.34
CA GLY E 55 28.05 12.09 4.94
C GLY E 55 28.30 13.40 5.67
N SER E 56 29.43 14.01 5.39
CA SER E 56 29.79 15.31 5.92
C SER E 56 28.91 16.35 5.29
N SER E 57 29.15 16.62 4.02
CA SER E 57 28.42 17.60 3.21
C SER E 57 27.09 17.02 2.73
N THR E 58 26.04 17.85 2.76
CA THR E 58 24.69 17.50 2.33
C THR E 58 23.99 18.72 1.70
N TYR E 59 23.53 18.58 0.44
CA TYR E 59 22.85 19.66 -0.29
C TYR E 59 21.39 19.36 -0.59
N TYR E 60 20.52 20.40 -0.46
CA TYR E 60 19.08 20.33 -0.76
C TYR E 60 18.65 21.58 -1.54
N PRO E 61 17.96 21.43 -2.69
CA PRO E 61 17.44 22.63 -3.38
C PRO E 61 16.28 23.19 -2.56
N ASP E 62 15.97 24.48 -2.72
CA ASP E 62 14.92 25.15 -1.94
C ASP E 62 13.52 24.54 -1.98
N THR E 63 13.20 23.74 -3.01
CA THR E 63 11.90 23.07 -3.13
C THR E 63 11.64 22.06 -2.02
N VAL E 64 12.70 21.41 -1.49
CA VAL E 64 12.61 20.38 -0.44
C VAL E 64 13.39 20.67 0.85
N LYS E 65 14.31 21.67 0.84
CA LYS E 65 15.16 22.04 1.98
C LYS E 65 14.37 22.30 3.27
N GLY E 66 14.85 21.70 4.36
CA GLY E 66 14.23 21.77 5.68
C GLY E 66 13.31 20.60 5.96
N ARG E 67 12.55 20.17 4.93
CA ARG E 67 11.55 19.11 4.93
C ARG E 67 12.11 17.71 4.64
N PHE E 68 13.10 17.62 3.74
CA PHE E 68 13.70 16.34 3.35
C PHE E 68 15.12 16.21 3.93
N THR E 69 15.56 14.96 4.23
CA THR E 69 16.89 14.69 4.80
C THR E 69 17.56 13.50 4.13
N ILE E 70 18.66 13.74 3.42
CA ILE E 70 19.46 12.67 2.81
C ILE E 70 20.37 12.08 3.89
N SER E 71 20.44 10.75 3.95
CA SER E 71 21.25 10.03 4.94
C SER E 71 21.85 8.76 4.33
N ARG E 72 23.00 8.32 4.88
CA ARG E 72 23.68 7.11 4.41
C ARG E 72 24.32 6.28 5.54
N ASP E 73 24.36 4.96 5.36
CA ASP E 73 24.98 4.02 6.29
C ASP E 73 25.94 3.19 5.46
N ASN E 74 27.20 3.64 5.40
CA ASN E 74 28.31 3.05 4.64
C ASN E 74 28.68 1.62 5.03
N ALA E 75 28.27 1.18 6.23
CA ALA E 75 28.49 -0.18 6.72
C ALA E 75 27.39 -1.13 6.18
N LYS E 76 26.16 -0.61 5.97
CA LYS E 76 25.04 -1.38 5.45
C LYS E 76 24.76 -1.18 3.94
N ASN E 77 25.60 -0.37 3.26
CA ASN E 77 25.52 -0.03 1.82
C ASN E 77 24.13 0.45 1.43
N THR E 78 23.61 1.41 2.21
CA THR E 78 22.27 1.95 2.05
C THR E 78 22.18 3.47 2.18
N LEU E 79 21.33 4.05 1.32
CA LEU E 79 21.03 5.47 1.28
C LEU E 79 19.58 5.62 1.72
N TYR E 80 19.29 6.72 2.42
CA TYR E 80 17.93 7.00 2.90
C TYR E 80 17.49 8.38 2.48
N LEU E 81 16.16 8.55 2.35
CA LEU E 81 15.53 9.82 2.06
C LEU E 81 14.27 9.96 2.92
N GLN E 82 14.37 10.80 3.98
CA GLN E 82 13.26 11.07 4.86
C GLN E 82 12.52 12.25 4.27
N MET E 83 11.31 12.01 3.76
CA MET E 83 10.47 13.02 3.14
C MET E 83 9.41 13.45 4.14
N ASN E 84 9.43 14.71 4.58
CA ASN E 84 8.42 15.20 5.52
C ASN E 84 7.67 16.36 4.90
N SER E 85 6.51 16.72 5.51
CA SER E 85 5.61 17.80 5.06
C SER E 85 5.36 17.69 3.56
N LEU E 86 4.83 16.54 3.12
CA LEU E 86 4.60 16.27 1.70
C LEU E 86 3.47 17.04 1.04
N ARG E 87 3.76 17.64 -0.12
CA ARG E 87 2.86 18.46 -0.93
C ARG E 87 2.61 17.75 -2.27
N ALA E 88 1.67 18.27 -3.08
CA ALA E 88 1.30 17.76 -4.41
C ALA E 88 2.46 17.75 -5.41
N GLU E 89 3.36 18.76 -5.35
CA GLU E 89 4.54 18.93 -6.20
C GLU E 89 5.60 17.83 -6.02
N ASP E 90 5.51 17.07 -4.92
CA ASP E 90 6.41 15.98 -4.57
C ASP E 90 6.03 14.68 -5.26
N THR E 91 4.84 14.62 -5.89
CA THR E 91 4.38 13.46 -6.65
C THR E 91 5.32 13.31 -7.84
N ALA E 92 6.08 12.20 -7.85
CA ALA E 92 7.09 11.87 -8.85
C ALA E 92 7.51 10.42 -8.67
N VAL E 93 8.44 9.96 -9.53
CA VAL E 93 9.15 8.68 -9.41
C VAL E 93 10.50 9.13 -8.83
N TYR E 94 10.91 8.54 -7.71
CA TYR E 94 12.16 8.88 -7.05
C TYR E 94 13.23 7.86 -7.32
N TYR E 95 14.30 8.32 -7.96
CA TYR E 95 15.43 7.47 -8.29
C TYR E 95 16.58 7.78 -7.38
N CYS E 96 17.26 6.74 -6.93
CA CYS E 96 18.52 6.90 -6.23
C CYS E 96 19.56 6.81 -7.34
N ALA E 97 20.61 7.63 -7.29
CA ALA E 97 21.64 7.63 -8.32
C ALA E 97 23.05 7.85 -7.79
N SER E 98 24.04 7.16 -8.40
CA SER E 98 25.47 7.30 -8.11
C SER E 98 26.06 8.22 -9.19
N GLY E 99 25.17 8.74 -10.04
CA GLY E 99 25.52 9.56 -11.17
C GLY E 99 25.62 8.67 -12.38
N ASP E 100 26.66 7.83 -12.42
CA ASP E 100 26.89 6.87 -13.49
C ASP E 100 25.91 5.68 -13.43
N TYR E 101 25.21 5.51 -12.30
CA TYR E 101 24.25 4.41 -12.11
C TYR E 101 22.94 4.87 -11.49
N TRP E 102 21.82 4.45 -12.09
CA TRP E 102 20.45 4.79 -11.68
C TRP E 102 19.64 3.51 -11.44
N GLY E 103 18.88 3.51 -10.35
CA GLY E 103 17.99 2.40 -10.00
C GLY E 103 16.67 2.47 -10.77
N GLN E 104 15.78 1.48 -10.55
CA GLN E 104 14.46 1.41 -11.18
C GLN E 104 13.59 2.58 -10.76
N GLY E 105 13.76 2.99 -9.51
CA GLY E 105 13.02 4.08 -8.91
C GLY E 105 11.79 3.62 -8.16
N THR E 106 11.32 4.46 -7.23
CA THR E 106 10.12 4.19 -6.44
C THR E 106 9.12 5.33 -6.63
N LEU E 107 7.88 5.00 -7.02
CA LEU E 107 6.83 6.01 -7.23
C LEU E 107 6.25 6.49 -5.89
N VAL E 108 6.14 7.81 -5.74
CA VAL E 108 5.57 8.47 -4.57
C VAL E 108 4.39 9.32 -5.08
N THR E 109 3.18 9.07 -4.57
CA THR E 109 1.96 9.81 -4.90
C THR E 109 1.46 10.53 -3.64
N VAL E 110 1.29 11.85 -3.74
CA VAL E 110 0.82 12.67 -2.64
C VAL E 110 -0.59 13.16 -2.94
N SER E 111 -1.59 12.57 -2.27
CA SER E 111 -2.99 12.93 -2.46
C SER E 111 -3.84 12.61 -1.23
N SER E 112 -4.94 13.37 -1.04
CA SER E 112 -5.92 13.18 0.02
C SER E 112 -7.09 12.29 -0.47
N ALA E 113 -7.12 12.02 -1.78
CA ALA E 113 -8.12 11.20 -2.46
C ALA E 113 -8.01 9.74 -2.06
N SER E 114 -9.15 9.10 -1.76
CA SER E 114 -9.21 7.70 -1.36
C SER E 114 -9.01 6.74 -2.54
N THR E 115 -8.49 5.55 -2.25
CA THR E 115 -8.21 4.50 -3.22
C THR E 115 -9.51 3.96 -3.81
N LYS E 116 -9.62 3.99 -5.15
CA LYS E 116 -10.82 3.54 -5.84
C LYS E 116 -10.51 2.59 -6.99
N GLY E 117 -11.21 1.47 -7.01
CA GLY E 117 -11.09 0.48 -8.06
C GLY E 117 -11.87 0.89 -9.30
N PRO E 118 -11.38 0.56 -10.51
CA PRO E 118 -12.13 0.96 -11.71
C PRO E 118 -13.27 0.04 -12.09
N SER E 119 -14.14 0.54 -12.97
CA SER E 119 -15.23 -0.20 -13.58
C SER E 119 -14.78 -0.45 -15.02
N VAL E 120 -14.87 -1.71 -15.48
CA VAL E 120 -14.45 -2.07 -16.83
C VAL E 120 -15.64 -2.26 -17.77
N PHE E 121 -15.63 -1.55 -18.92
CA PHE E 121 -16.69 -1.59 -19.92
C PHE E 121 -16.13 -1.97 -21.30
N PRO E 122 -16.80 -2.85 -22.07
CA PRO E 122 -16.26 -3.23 -23.38
C PRO E 122 -16.47 -2.21 -24.48
N LEU E 123 -15.61 -2.28 -25.50
CA LEU E 123 -15.67 -1.48 -26.71
C LEU E 123 -15.75 -2.53 -27.81
N ALA E 124 -16.97 -3.06 -28.00
CA ALA E 124 -17.32 -4.13 -28.92
C ALA E 124 -17.03 -3.83 -30.41
N PRO E 125 -16.52 -4.84 -31.17
CA PRO E 125 -16.26 -4.60 -32.60
C PRO E 125 -17.53 -4.65 -33.44
N SER E 126 -17.63 -3.85 -34.49
CA SER E 126 -18.75 -3.95 -35.38
C SER E 126 -18.23 -3.85 -36.77
N GLY E 133 -8.64 -6.29 -44.48
CA GLY E 133 -9.53 -7.06 -43.62
C GLY E 133 -9.11 -6.98 -42.17
N THR E 134 -9.50 -5.88 -41.50
CA THR E 134 -9.15 -5.61 -40.10
C THR E 134 -10.33 -4.99 -39.35
N ALA E 135 -10.48 -5.37 -38.06
CA ALA E 135 -11.52 -4.88 -37.16
C ALA E 135 -10.92 -4.57 -35.78
N ALA E 136 -11.41 -3.51 -35.12
CA ALA E 136 -10.88 -3.13 -33.80
C ALA E 136 -11.86 -3.31 -32.65
N LEU E 137 -11.32 -3.71 -31.48
CA LEU E 137 -12.06 -3.89 -30.22
C LEU E 137 -11.20 -3.46 -29.03
N GLY E 138 -11.84 -3.19 -27.90
CA GLY E 138 -11.14 -2.79 -26.69
C GLY E 138 -11.95 -2.80 -25.41
N CYS E 139 -11.44 -2.05 -24.41
CA CYS E 139 -12.06 -1.89 -23.10
C CYS E 139 -11.80 -0.52 -22.51
N LEU E 140 -12.76 -0.02 -21.74
CA LEU E 140 -12.66 1.28 -21.08
C LEU E 140 -12.54 1.10 -19.56
N VAL E 141 -11.38 1.47 -19.02
CA VAL E 141 -11.04 1.40 -17.60
C VAL E 141 -11.26 2.82 -17.04
N LYS E 142 -12.43 3.03 -16.44
CA LYS E 142 -12.88 4.33 -15.94
C LYS E 142 -13.00 4.42 -14.43
N ASP E 143 -12.86 5.66 -13.91
CA ASP E 143 -13.02 6.08 -12.50
C ASP E 143 -12.24 5.30 -11.42
N TYR E 144 -10.91 5.45 -11.43
CA TYR E 144 -10.03 4.83 -10.45
C TYR E 144 -9.00 5.83 -9.96
N PHE E 145 -8.42 5.55 -8.78
CA PHE E 145 -7.37 6.33 -8.15
C PHE E 145 -6.64 5.46 -7.13
N PRO E 146 -5.29 5.52 -7.01
CA PRO E 146 -4.35 6.30 -7.83
C PRO E 146 -3.87 5.54 -9.06
N GLU E 147 -2.98 6.14 -9.85
CA GLU E 147 -2.33 5.48 -10.98
C GLU E 147 -1.28 4.50 -10.39
N PRO E 148 -0.97 3.35 -11.01
CA PRO E 148 -1.39 2.86 -12.33
C PRO E 148 -2.42 1.72 -12.33
N VAL E 149 -2.74 1.28 -13.55
CA VAL E 149 -3.62 0.18 -13.91
C VAL E 149 -2.88 -0.63 -15.00
N THR E 150 -2.86 -1.95 -14.87
CA THR E 150 -2.24 -2.80 -15.89
C THR E 150 -3.36 -3.43 -16.73
N VAL E 151 -3.19 -3.43 -18.06
CA VAL E 151 -4.16 -4.01 -19.00
C VAL E 151 -3.41 -4.87 -20.01
N SER E 152 -3.62 -6.19 -19.93
CA SER E 152 -3.00 -7.13 -20.86
C SER E 152 -4.09 -7.81 -21.69
N TRP E 153 -3.72 -8.42 -22.82
CA TRP E 153 -4.68 -9.12 -23.68
C TRP E 153 -4.28 -10.57 -23.84
N ASN E 154 -5.26 -11.50 -23.68
CA ASN E 154 -5.09 -12.96 -23.78
C ASN E 154 -3.95 -13.48 -22.88
N SER E 155 -4.01 -12.88 -21.69
CA SER E 155 -3.20 -13.09 -20.56
C SER E 155 -1.76 -12.95 -20.95
N GLY E 156 -1.54 -12.08 -21.93
CA GLY E 156 -0.22 -11.63 -22.31
C GLY E 156 0.23 -12.20 -23.62
N ALA E 157 -0.53 -13.15 -24.11
CA ALA E 157 -0.26 -13.86 -25.35
C ALA E 157 -0.73 -13.07 -26.56
N LEU E 158 -1.48 -12.02 -26.31
CA LEU E 158 -1.97 -11.15 -27.30
C LEU E 158 -1.24 -9.81 -27.27
N THR E 159 -0.07 -9.76 -27.85
CA THR E 159 0.73 -8.58 -27.81
C THR E 159 0.80 -7.70 -29.08
N SER E 160 0.63 -8.29 -30.26
CA SER E 160 0.78 -7.55 -31.49
C SER E 160 -0.44 -6.79 -31.84
N GLY E 161 -0.28 -5.50 -32.10
CA GLY E 161 -1.36 -4.61 -32.43
C GLY E 161 -2.10 -4.06 -31.25
N VAL E 162 -1.57 -4.27 -30.08
CA VAL E 162 -2.13 -3.70 -28.88
C VAL E 162 -1.70 -2.27 -28.72
N HIS E 163 -2.62 -1.43 -28.31
CA HIS E 163 -2.38 -0.02 -28.00
C HIS E 163 -3.04 0.35 -26.68
N THR E 164 -2.20 0.56 -25.65
CA THR E 164 -2.64 0.93 -24.31
C THR E 164 -2.41 2.43 -24.16
N PHE E 165 -3.51 3.17 -24.04
CA PHE E 165 -3.50 4.62 -23.92
C PHE E 165 -3.12 5.12 -22.54
N PRO E 166 -2.35 6.24 -22.44
CA PRO E 166 -2.03 6.78 -21.11
C PRO E 166 -3.30 7.26 -20.41
N ALA E 167 -3.35 7.10 -19.09
CA ALA E 167 -4.48 7.53 -18.28
C ALA E 167 -4.62 9.06 -18.30
N VAL E 168 -5.86 9.54 -18.24
CA VAL E 168 -6.16 10.97 -18.23
C VAL E 168 -7.00 11.23 -16.98
N LEU E 169 -6.61 12.25 -16.21
CA LEU E 169 -7.34 12.65 -15.00
C LEU E 169 -8.61 13.39 -15.42
N GLN E 170 -9.76 12.84 -15.05
CA GLN E 170 -11.07 13.41 -15.35
C GLN E 170 -11.35 14.53 -14.32
N SER E 171 -12.37 15.39 -14.58
CA SER E 171 -12.78 16.49 -13.69
C SER E 171 -13.14 16.00 -12.28
N SER E 172 -13.62 14.75 -12.18
CA SER E 172 -14.00 14.08 -10.93
C SER E 172 -12.79 13.83 -10.01
N GLY E 173 -11.59 13.88 -10.58
CA GLY E 173 -10.34 13.68 -9.86
C GLY E 173 -9.90 12.22 -9.87
N LEU E 174 -10.55 11.42 -10.74
CA LEU E 174 -10.29 10.00 -10.94
C LEU E 174 -9.76 9.80 -12.35
N TYR E 175 -8.85 8.82 -12.53
CA TYR E 175 -8.26 8.51 -13.82
C TYR E 175 -9.16 7.60 -14.67
N SER E 176 -8.87 7.58 -15.99
CA SER E 176 -9.55 6.75 -16.98
C SER E 176 -8.67 6.52 -18.18
N LEU E 177 -8.77 5.33 -18.77
CA LEU E 177 -8.04 4.98 -19.99
C LEU E 177 -8.78 3.94 -20.84
N SER E 178 -8.25 3.70 -22.04
CA SER E 178 -8.76 2.72 -22.98
C SER E 178 -7.61 1.89 -23.51
N SER E 179 -7.86 0.60 -23.75
CA SER E 179 -6.88 -0.32 -24.31
C SER E 179 -7.54 -0.98 -25.51
N VAL E 180 -6.95 -0.80 -26.71
CA VAL E 180 -7.48 -1.33 -27.96
C VAL E 180 -6.56 -2.35 -28.63
N VAL E 181 -7.13 -3.18 -29.52
CA VAL E 181 -6.40 -4.18 -30.31
C VAL E 181 -7.04 -4.37 -31.69
N THR E 182 -6.24 -4.28 -32.76
CA THR E 182 -6.74 -4.46 -34.12
C THR E 182 -6.70 -5.94 -34.49
N VAL E 183 -7.89 -6.48 -34.71
CA VAL E 183 -8.16 -7.89 -35.07
C VAL E 183 -8.47 -8.14 -36.56
N PRO E 184 -7.79 -9.08 -37.23
CA PRO E 184 -8.27 -9.37 -38.60
C PRO E 184 -9.61 -10.10 -38.42
N SER E 185 -10.61 -9.75 -39.26
CA SER E 185 -12.00 -10.27 -39.26
C SER E 185 -12.16 -11.79 -39.36
N SER E 186 -11.12 -12.49 -39.88
CA SER E 186 -11.06 -13.95 -40.06
C SER E 186 -11.13 -14.76 -38.73
N SER E 187 -10.83 -14.09 -37.61
CA SER E 187 -10.80 -14.69 -36.28
C SER E 187 -11.90 -14.17 -35.34
N LEU E 188 -12.88 -13.42 -35.86
CA LEU E 188 -13.98 -12.85 -35.08
C LEU E 188 -14.69 -13.81 -34.10
N GLY E 189 -14.96 -15.02 -34.58
CA GLY E 189 -15.63 -16.10 -33.85
C GLY E 189 -14.84 -17.30 -33.39
N THR E 190 -13.75 -17.62 -34.13
CA THR E 190 -12.83 -18.73 -33.85
C THR E 190 -11.97 -18.43 -32.60
N GLN E 191 -11.36 -17.22 -32.55
CA GLN E 191 -10.51 -16.77 -31.44
C GLN E 191 -11.30 -16.07 -30.33
N THR E 192 -10.86 -16.28 -29.09
CA THR E 192 -11.41 -15.71 -27.84
C THR E 192 -10.52 -14.51 -27.45
N TYR E 193 -11.13 -13.35 -27.14
CA TYR E 193 -10.41 -12.13 -26.76
C TYR E 193 -10.73 -11.66 -25.35
N ILE E 194 -9.73 -11.70 -24.44
CA ILE E 194 -9.87 -11.32 -23.02
C ILE E 194 -8.88 -10.21 -22.64
N CYS E 195 -9.36 -9.17 -21.93
CA CYS E 195 -8.51 -8.11 -21.38
C CYS E 195 -8.40 -8.23 -19.85
N ASN E 196 -7.16 -8.34 -19.37
CA ASN E 196 -6.86 -8.52 -17.96
C ASN E 196 -6.57 -7.17 -17.31
N VAL E 197 -7.58 -6.59 -16.64
CA VAL E 197 -7.45 -5.29 -15.97
C VAL E 197 -7.02 -5.52 -14.51
N ASN E 198 -5.95 -4.84 -14.09
CA ASN E 198 -5.41 -5.01 -12.74
C ASN E 198 -5.02 -3.70 -12.04
N HIS E 199 -5.80 -3.31 -11.03
CA HIS E 199 -5.53 -2.11 -10.24
C HIS E 199 -5.03 -2.52 -8.86
N LYS E 200 -3.70 -2.62 -8.72
CA LYS E 200 -3.01 -3.01 -7.49
C LYS E 200 -3.31 -2.13 -6.25
N PRO E 201 -3.35 -0.77 -6.31
CA PRO E 201 -3.62 0.01 -5.09
C PRO E 201 -4.95 -0.29 -4.36
N SER E 202 -6.04 -0.54 -5.11
CA SER E 202 -7.34 -0.85 -4.51
C SER E 202 -7.60 -2.36 -4.43
N ASN E 203 -6.68 -3.18 -5.00
CA ASN E 203 -6.76 -4.65 -5.05
C ASN E 203 -8.00 -5.08 -5.88
N THR E 204 -8.06 -4.63 -7.14
CA THR E 204 -9.15 -4.91 -8.05
C THR E 204 -8.63 -5.64 -9.29
N LYS E 205 -9.12 -6.86 -9.51
CA LYS E 205 -8.74 -7.70 -10.63
C LYS E 205 -10.00 -7.99 -11.45
N VAL E 206 -10.09 -7.38 -12.65
CA VAL E 206 -11.25 -7.53 -13.54
C VAL E 206 -10.82 -8.09 -14.89
N ASP E 207 -11.34 -9.28 -15.23
CA ASP E 207 -11.07 -9.93 -16.52
C ASP E 207 -12.33 -9.79 -17.36
N LYS E 208 -12.33 -8.80 -18.26
CA LYS E 208 -13.46 -8.54 -19.15
C LYS E 208 -13.29 -9.25 -20.49
N LYS E 209 -14.37 -9.88 -20.93
CA LYS E 209 -14.40 -10.58 -22.17
C LYS E 209 -15.34 -9.87 -23.10
N VAL E 210 -14.80 -9.53 -24.26
CA VAL E 210 -15.40 -8.57 -25.16
C VAL E 210 -15.80 -9.29 -26.42
N GLU E 211 -17.05 -9.13 -26.77
CA GLU E 211 -17.63 -10.02 -27.72
C GLU E 211 -18.47 -9.24 -28.64
N PRO E 212 -18.29 -9.61 -29.98
CA PRO E 212 -18.93 -8.70 -30.93
C PRO E 212 -20.42 -8.74 -30.87
N LYS E 213 -21.04 -7.74 -30.29
CA LYS E 213 -22.49 -7.50 -30.38
C LYS E 213 -23.12 -6.59 -29.36
N LYS F 5 32.25 0.82 -12.24
CA LYS F 5 32.03 2.05 -11.48
C LYS F 5 32.99 3.17 -11.91
N LEU F 6 32.67 4.44 -11.56
CA LEU F 6 33.47 5.62 -11.91
C LEU F 6 33.37 6.77 -10.89
N VAL F 7 34.34 7.70 -10.95
CA VAL F 7 34.34 8.92 -10.15
C VAL F 7 33.49 9.86 -11.01
N PHE F 8 32.17 9.88 -10.74
CA PHE F 8 31.22 10.70 -11.49
C PHE F 8 31.26 12.12 -11.01
N PHE F 9 31.14 12.31 -9.69
CA PHE F 9 31.15 13.62 -9.07
C PHE F 9 32.58 14.09 -8.83
N ALA F 10 32.82 15.40 -9.04
CA ALA F 10 34.13 16.02 -8.90
C ALA F 10 34.66 15.98 -7.47
N GLU F 11 33.77 16.01 -6.46
CA GLU F 11 34.10 15.98 -5.04
C GLU F 11 34.77 14.67 -4.59
N ASP F 12 34.49 13.54 -5.27
CA ASP F 12 35.02 12.21 -4.95
C ASP F 12 36.50 11.98 -5.30
N VAL F 13 37.12 12.95 -6.00
CA VAL F 13 38.52 12.96 -6.44
C VAL F 13 39.50 12.72 -5.28
#